data_6JUO
#
_entry.id   6JUO
#
_cell.length_a   54.100
_cell.length_b   81.030
_cell.length_c   210.530
_cell.angle_alpha   90.00
_cell.angle_beta   90.00
_cell.angle_gamma   90.00
#
_symmetry.space_group_name_H-M   'P 21 21 21'
#
loop_
_entity.id
_entity.type
_entity.pdbx_description
1 polymer 'DNA polymerase IV'
2 polymer "DNA (5'-D(P*CP*TP*GP*GP*GP*GP*TP*CP*CP*TP*AP*GP*G)-3')"
3 non-polymer "2'-deoxy-5'-O-[(R)-hydroxy{[(R)-hydroxy(phosphonooxy)phosphoryl]amino}phosphoryl]cytidine"
4 non-polymer 'MAGNESIUM ION'
5 water water
#
loop_
_entity_poly.entity_id
_entity_poly.type
_entity_poly.pdbx_seq_one_letter_code
_entity_poly.pdbx_strand_id
1 'polypeptide(L)'
;MTKWVLHVDLDQFYASVELRRRPDLRGQPVIVGGSGDPSEPRKVVTCASYEAREFGVHAGMPLRAAARRCPDATFLPSDP
AAYDEASEQVMGLLRDLGHPLEVWGWDEAYLGADLPDESDPVEVAERIRTVVAAETGLSCSVGISDNKQRAKVATGFAKP
AGIYVLTEANWMTVMGDRPPDALWGVGPKTTKKLAAMGITTVADLAVTDPSVLTTAFGPSTGLWLLLLAKGGGDTEVSSE
PWVPRSRSHVVTFPQDLTERREMDSAVRDLALQTLAEIVEQGRIVTRVAVTVRTSTFYTRTKIRKLPAPSTDAGQIVDTA
LAVLDQFELDRPVRLLGVRLELAMDDVPRPAVTAGT
;
A,F
2 'polydeoxyribonucleotide' (DT)(DC)(DT)(DG)(DG)(DG)(DG)(DT)(DC)(DC)(DT)(DA)(DG)(DG)(DA)(DC)(DC)(DC) B,C,G,H
#
loop_
_chem_comp.id
_chem_comp.type
_chem_comp.name
_chem_comp.formula
0KX non-polymer 2'-deoxy-5'-O-[(R)-hydroxy{[(R)-hydroxy(phosphonooxy)phosphoryl]amino}phosphoryl]cytidine 'C9 H17 N4 O12 P3'
DA DNA linking 2'-DEOXYADENOSINE-5'-MONOPHOSPHATE 'C10 H14 N5 O6 P'
DC DNA linking 2'-DEOXYCYTIDINE-5'-MONOPHOSPHATE 'C9 H14 N3 O7 P'
DG DNA linking 2'-DEOXYGUANOSINE-5'-MONOPHOSPHATE 'C10 H14 N5 O7 P'
DT DNA linking THYMIDINE-5'-MONOPHOSPHATE 'C10 H15 N2 O8 P'
MG non-polymer 'MAGNESIUM ION' 'Mg 2'
#
# COMPACT_ATOMS: atom_id res chain seq x y z
N MET A 1 -23.83 2.22 -38.60
CA MET A 1 -22.88 3.34 -38.97
C MET A 1 -21.87 3.85 -37.84
N THR A 2 -22.21 3.85 -36.54
CA THR A 2 -21.17 4.10 -35.47
C THR A 2 -21.12 2.94 -34.48
N LYS A 3 -19.97 2.30 -34.27
CA LYS A 3 -19.76 1.13 -33.47
C LYS A 3 -19.52 1.53 -31.95
N TRP A 4 -20.31 0.95 -31.05
CA TRP A 4 -20.27 1.29 -29.63
C TRP A 4 -20.16 0.02 -28.82
N VAL A 5 -19.48 0.13 -27.65
CA VAL A 5 -19.48 -0.94 -26.65
C VAL A 5 -20.13 -0.40 -25.42
N LEU A 6 -21.15 -1.10 -24.93
CA LEU A 6 -21.82 -0.74 -23.72
C LEU A 6 -21.48 -1.75 -22.65
N HIS A 7 -21.17 -1.24 -21.44
CA HIS A 7 -20.83 -2.11 -20.34
C HIS A 7 -21.83 -1.92 -19.26
N VAL A 8 -22.61 -2.96 -18.98
CA VAL A 8 -23.69 -2.93 -18.00
C VAL A 8 -23.17 -3.52 -16.74
N ASP A 9 -23.44 -2.85 -15.64
CA ASP A 9 -23.01 -3.34 -14.31
C ASP A 9 -24.16 -3.14 -13.36
N LEU A 10 -24.60 -4.23 -12.71
CA LEU A 10 -25.70 -4.11 -11.77
C LEU A 10 -25.35 -3.35 -10.51
N ASP A 11 -26.24 -2.47 -10.13
CA ASP A 11 -26.14 -1.69 -8.90
C ASP A 11 -26.27 -2.47 -7.62
N GLN A 12 -25.32 -2.19 -6.72
CA GLN A 12 -25.26 -2.82 -5.38
C GLN A 12 -25.91 -4.23 -5.38
N PHE A 13 -25.30 -5.14 -6.14
CA PHE A 13 -25.98 -6.30 -6.75
C PHE A 13 -26.66 -7.21 -5.66
N TYR A 14 -25.90 -7.74 -4.74
CA TYR A 14 -26.48 -8.63 -3.69
C TYR A 14 -27.50 -7.93 -2.85
N ALA A 15 -27.24 -6.71 -2.44
CA ALA A 15 -28.26 -5.91 -1.75
C ALA A 15 -29.56 -5.66 -2.57
N SER A 16 -29.46 -5.51 -3.90
CA SER A 16 -30.59 -5.11 -4.72
C SER A 16 -31.50 -6.37 -4.85
N VAL A 17 -30.91 -7.52 -4.93
CA VAL A 17 -31.62 -8.76 -4.97
C VAL A 17 -32.38 -8.91 -3.65
N GLU A 18 -31.66 -8.75 -2.51
CA GLU A 18 -32.33 -8.81 -1.21
C GLU A 18 -33.52 -7.83 -1.10
N LEU A 19 -33.35 -6.59 -1.57
CA LEU A 19 -34.38 -5.55 -1.59
C LEU A 19 -35.69 -5.85 -2.33
N ARG A 20 -35.63 -6.78 -3.31
CA ARG A 20 -36.84 -7.31 -3.97
C ARG A 20 -37.73 -7.97 -3.02
N ARG A 21 -37.21 -8.67 -2.03
CA ARG A 21 -38.05 -9.41 -1.09
C ARG A 21 -38.31 -8.57 0.19
N ARG A 22 -37.59 -7.48 0.33
CA ARG A 22 -37.68 -6.56 1.42
C ARG A 22 -37.73 -5.13 0.88
N PRO A 23 -38.79 -4.79 0.12
CA PRO A 23 -38.91 -3.45 -0.42
C PRO A 23 -39.06 -2.34 0.65
N ASP A 24 -39.51 -2.63 1.91
CA ASP A 24 -39.49 -1.69 2.96
C ASP A 24 -38.05 -1.23 3.28
N LEU A 25 -37.02 -2.01 2.97
CA LEU A 25 -35.66 -1.55 3.24
C LEU A 25 -35.00 -0.60 2.24
N ARG A 26 -35.66 -0.24 1.14
CA ARG A 26 -35.10 0.65 0.12
C ARG A 26 -34.85 1.94 0.80
N GLY A 27 -33.75 2.57 0.46
CA GLY A 27 -33.40 3.82 1.13
C GLY A 27 -32.77 3.65 2.53
N GLN A 28 -32.56 2.43 3.04
CA GLN A 28 -32.05 2.23 4.41
C GLN A 28 -30.73 1.47 4.23
N PRO A 29 -29.85 1.56 5.23
CA PRO A 29 -28.60 0.77 5.26
C PRO A 29 -28.85 -0.73 5.40
N VAL A 30 -28.33 -1.52 4.47
CA VAL A 30 -28.50 -2.93 4.46
C VAL A 30 -27.17 -3.52 4.16
N ILE A 31 -26.86 -4.62 4.84
CA ILE A 31 -25.52 -5.17 4.78
C ILE A 31 -25.69 -6.69 4.66
N VAL A 32 -25.28 -7.22 3.49
CA VAL A 32 -25.35 -8.59 3.21
C VAL A 32 -24.03 -9.26 3.55
N GLY A 33 -24.02 -10.36 4.29
CA GLY A 33 -22.80 -11.16 4.61
C GLY A 33 -23.05 -12.24 5.69
N GLY A 34 -22.29 -13.34 5.64
CA GLY A 34 -22.34 -14.38 6.69
C GLY A 34 -23.77 -14.86 6.75
N SER A 35 -24.31 -14.89 7.95
CA SER A 35 -25.64 -15.44 8.18
C SER A 35 -26.59 -14.32 8.69
N GLY A 36 -26.19 -13.04 8.61
CA GLY A 36 -27.11 -12.01 9.03
C GLY A 36 -26.95 -11.65 10.47
N ASP A 37 -26.02 -12.28 11.20
CA ASP A 37 -25.77 -11.93 12.56
C ASP A 37 -24.46 -11.14 12.62
N PRO A 38 -24.51 -9.87 12.98
CA PRO A 38 -23.34 -9.04 12.87
C PRO A 38 -22.30 -9.28 13.96
N SER A 39 -22.65 -9.93 15.06
CA SER A 39 -21.72 -10.30 16.09
C SER A 39 -20.95 -11.59 15.76
N GLU A 40 -21.26 -12.25 14.65
CA GLU A 40 -20.61 -13.55 14.36
C GLU A 40 -19.13 -13.36 13.96
N PRO A 41 -18.20 -13.96 14.73
CA PRO A 41 -16.80 -13.84 14.25
C PRO A 41 -16.51 -14.54 12.88
N ARG A 42 -15.43 -14.13 12.22
CA ARG A 42 -14.94 -14.73 10.99
C ARG A 42 -15.93 -14.63 9.74
N LYS A 43 -16.88 -13.68 9.79
CA LYS A 43 -17.74 -13.39 8.73
C LYS A 43 -17.46 -11.94 8.36
N VAL A 44 -17.62 -11.66 7.05
CA VAL A 44 -17.44 -10.31 6.52
C VAL A 44 -18.63 -9.93 5.70
N VAL A 45 -18.60 -8.67 5.30
CA VAL A 45 -19.55 -8.07 4.39
C VAL A 45 -19.23 -8.56 2.96
N THR A 46 -20.26 -9.02 2.30
CA THR A 46 -20.29 -9.29 0.91
C THR A 46 -20.83 -8.16 0.06
N CYS A 47 -21.85 -7.44 0.53
CA CYS A 47 -22.31 -6.25 -0.16
C CYS A 47 -23.01 -5.34 0.80
N ALA A 48 -22.60 -4.07 0.82
CA ALA A 48 -23.29 -3.00 1.54
C ALA A 48 -24.08 -2.21 0.63
N SER A 49 -25.26 -1.83 1.05
CA SER A 49 -26.07 -0.94 0.20
C SER A 49 -25.38 0.43 0.17
N TYR A 50 -25.71 1.21 -0.85
CA TYR A 50 -25.15 2.51 -1.01
C TYR A 50 -25.27 3.33 0.26
N GLU A 51 -26.42 3.15 0.95
CA GLU A 51 -26.62 3.92 2.19
C GLU A 51 -25.61 3.49 3.29
N ALA A 52 -25.38 2.22 3.42
CA ALA A 52 -24.36 1.73 4.31
C ALA A 52 -22.92 2.09 3.96
N ARG A 53 -22.62 2.17 2.66
CA ARG A 53 -21.32 2.58 2.20
C ARG A 53 -20.97 4.04 2.61
N GLU A 54 -21.99 4.90 2.78
CA GLU A 54 -21.72 6.26 3.29
C GLU A 54 -21.12 6.21 4.71
N PHE A 55 -21.36 5.18 5.46
CA PHE A 55 -20.75 5.05 6.79
C PHE A 55 -19.36 4.38 6.71
N GLY A 56 -18.87 4.11 5.49
CA GLY A 56 -17.57 3.47 5.23
C GLY A 56 -17.63 1.93 5.23
N VAL A 57 -18.79 1.30 5.15
CA VAL A 57 -18.84 -0.13 5.15
C VAL A 57 -18.62 -0.48 3.68
N HIS A 58 -17.95 -1.58 3.45
CA HIS A 58 -17.59 -1.97 2.08
C HIS A 58 -17.28 -3.50 2.09
N ALA A 59 -17.44 -4.09 0.92
CA ALA A 59 -17.25 -5.57 0.82
C ALA A 59 -15.91 -5.94 1.45
N GLY A 60 -15.90 -7.06 2.19
CA GLY A 60 -14.71 -7.57 2.84
C GLY A 60 -14.48 -7.13 4.27
N MET A 61 -15.29 -6.19 4.74
CA MET A 61 -15.17 -5.72 6.12
C MET A 61 -15.73 -6.76 7.09
N PRO A 62 -15.12 -6.86 8.29
CA PRO A 62 -15.63 -7.82 9.28
C PRO A 62 -17.03 -7.37 9.69
N LEU A 63 -17.97 -8.29 9.87
CA LEU A 63 -19.29 -7.86 10.20
C LEU A 63 -19.32 -7.07 11.51
N ARG A 64 -18.53 -7.46 12.50
CA ARG A 64 -18.52 -6.71 13.81
C ARG A 64 -18.04 -5.23 13.67
N ALA A 65 -17.08 -5.03 12.77
CA ALA A 65 -16.56 -3.69 12.33
C ALA A 65 -17.69 -2.91 11.66
N ALA A 66 -18.36 -3.60 10.72
CA ALA A 66 -19.43 -2.98 10.00
C ALA A 66 -20.59 -2.53 10.86
N ALA A 67 -21.00 -3.39 11.79
CA ALA A 67 -22.10 -3.07 12.69
C ALA A 67 -21.69 -1.90 13.58
N ARG A 68 -20.39 -1.80 13.86
CA ARG A 68 -19.87 -0.73 14.69
C ARG A 68 -19.71 0.57 13.90
N ARG A 69 -19.76 0.47 12.58
CA ARG A 69 -19.62 1.64 11.72
C ARG A 69 -20.94 2.03 11.07
N CYS A 70 -21.98 1.25 11.37
CA CYS A 70 -23.35 1.51 10.80
C CYS A 70 -24.37 0.75 11.65
N PRO A 71 -24.56 1.25 12.92
CA PRO A 71 -25.33 0.46 13.86
C PRO A 71 -26.78 0.30 13.53
N ASP A 72 -27.35 1.08 12.67
CA ASP A 72 -28.74 0.85 12.38
C ASP A 72 -28.99 0.02 11.12
N ALA A 73 -27.94 -0.57 10.57
CA ALA A 73 -28.07 -1.41 9.31
C ALA A 73 -28.92 -2.65 9.63
N THR A 74 -29.67 -3.12 8.66
CA THR A 74 -30.31 -4.41 8.75
C THR A 74 -29.31 -5.38 8.09
N PHE A 75 -28.96 -6.41 8.81
CA PHE A 75 -28.01 -7.39 8.40
C PHE A 75 -28.77 -8.61 7.83
N LEU A 76 -28.48 -8.99 6.57
CA LEU A 76 -29.14 -10.08 5.87
C LEU A 76 -28.10 -11.14 5.52
N PRO A 77 -28.47 -12.44 5.56
CA PRO A 77 -27.50 -13.47 5.19
C PRO A 77 -27.28 -13.46 3.70
N SER A 78 -26.12 -13.92 3.29
CA SER A 78 -25.76 -14.07 1.90
C SER A 78 -26.50 -15.25 1.37
N ASP A 79 -27.27 -15.03 0.29
CA ASP A 79 -28.05 -16.02 -0.44
C ASP A 79 -27.57 -16.34 -1.92
N PRO A 80 -26.52 -17.13 -2.07
CA PRO A 80 -25.99 -17.20 -3.43
C PRO A 80 -26.90 -17.70 -4.49
N ALA A 81 -27.75 -18.65 -4.18
CA ALA A 81 -28.61 -19.24 -5.17
C ALA A 81 -29.50 -18.15 -5.68
N ALA A 82 -30.04 -17.29 -4.83
CA ALA A 82 -30.82 -16.14 -5.31
C ALA A 82 -30.01 -15.20 -6.24
N TYR A 83 -28.71 -15.01 -6.02
CA TYR A 83 -27.92 -14.01 -6.85
C TYR A 83 -27.69 -14.66 -8.24
N ASP A 84 -27.44 -15.96 -8.21
CA ASP A 84 -27.28 -16.78 -9.43
C ASP A 84 -28.50 -16.72 -10.27
N GLU A 85 -29.63 -17.01 -9.64
CA GLU A 85 -30.93 -16.95 -10.36
C GLU A 85 -31.13 -15.55 -10.92
N ALA A 86 -30.90 -14.51 -10.10
CA ALA A 86 -31.10 -13.09 -10.58
C ALA A 86 -30.12 -12.76 -11.72
N SER A 87 -28.93 -13.32 -11.69
CA SER A 87 -27.98 -13.08 -12.77
C SER A 87 -28.56 -13.61 -14.05
N GLU A 88 -28.98 -14.87 -14.02
CA GLU A 88 -29.47 -15.58 -15.21
C GLU A 88 -30.64 -14.87 -15.82
N GLN A 89 -31.50 -14.33 -15.00
CA GLN A 89 -32.61 -13.56 -15.56
C GLN A 89 -32.13 -12.33 -16.26
N VAL A 90 -31.11 -11.69 -15.68
CA VAL A 90 -30.51 -10.47 -16.25
C VAL A 90 -29.83 -10.70 -17.60
N MET A 91 -29.06 -11.79 -17.69
CA MET A 91 -28.38 -12.15 -18.94
C MET A 91 -29.39 -12.60 -19.98
N GLY A 92 -30.42 -13.32 -19.53
CA GLY A 92 -31.45 -13.80 -20.42
C GLY A 92 -32.27 -12.69 -21.04
N LEU A 93 -32.31 -11.54 -20.37
CA LEU A 93 -33.06 -10.40 -20.88
C LEU A 93 -32.20 -9.57 -21.81
N LEU A 94 -30.94 -9.37 -21.37
CA LEU A 94 -30.01 -8.64 -22.16
C LEU A 94 -29.74 -9.34 -23.52
N ARG A 95 -29.68 -10.68 -23.53
CA ARG A 95 -29.48 -11.45 -24.76
C ARG A 95 -30.57 -11.10 -25.75
N ASP A 96 -31.83 -11.07 -25.31
CA ASP A 96 -32.97 -10.80 -26.23
C ASP A 96 -32.97 -9.41 -26.83
N LEU A 97 -32.02 -8.55 -26.52
CA LEU A 97 -31.98 -7.31 -27.34
C LEU A 97 -31.47 -7.48 -28.73
N GLY A 98 -30.98 -8.66 -29.14
CA GLY A 98 -30.45 -8.80 -30.51
C GLY A 98 -29.07 -8.17 -30.77
N HIS A 99 -28.32 -7.86 -29.72
CA HIS A 99 -26.93 -7.46 -29.89
C HIS A 99 -25.99 -8.51 -29.33
N PRO A 100 -24.76 -8.61 -29.86
CA PRO A 100 -23.76 -9.46 -29.19
C PRO A 100 -23.63 -9.10 -27.68
N LEU A 101 -23.52 -10.11 -26.85
CA LEU A 101 -23.54 -9.94 -25.42
C LEU A 101 -22.47 -10.79 -24.80
N GLU A 102 -21.51 -10.17 -24.10
CA GLU A 102 -20.43 -10.97 -23.49
C GLU A 102 -20.57 -10.84 -22.00
N VAL A 103 -20.93 -11.90 -21.34
CA VAL A 103 -21.26 -11.85 -19.89
C VAL A 103 -19.97 -11.86 -19.11
N TRP A 104 -19.79 -11.14 -18.00
CA TRP A 104 -18.58 -11.31 -17.22
C TRP A 104 -18.97 -11.47 -15.75
N GLY A 105 -18.78 -12.67 -15.18
CA GLY A 105 -19.29 -13.02 -13.85
C GLY A 105 -20.76 -12.83 -13.76
N TRP A 106 -21.26 -12.57 -12.58
CA TRP A 106 -22.69 -12.54 -12.36
C TRP A 106 -23.39 -11.21 -12.69
N ASP A 107 -22.67 -10.07 -12.62
CA ASP A 107 -23.32 -8.80 -12.54
C ASP A 107 -22.78 -7.80 -13.55
N GLU A 108 -22.00 -8.28 -14.54
CA GLU A 108 -21.54 -7.44 -15.64
C GLU A 108 -21.73 -8.08 -16.99
N ALA A 109 -21.86 -7.21 -17.99
CA ALA A 109 -21.88 -7.66 -19.41
C ALA A 109 -21.54 -6.60 -20.38
N TYR A 110 -20.88 -7.01 -21.48
CA TYR A 110 -20.58 -6.08 -22.52
C TYR A 110 -21.56 -6.30 -23.69
N LEU A 111 -21.99 -5.19 -24.34
CA LEU A 111 -22.89 -5.32 -25.47
C LEU A 111 -22.35 -4.53 -26.58
N GLY A 112 -22.28 -5.10 -27.79
CA GLY A 112 -21.77 -4.46 -29.01
C GLY A 112 -22.95 -3.96 -29.86
N ALA A 113 -22.88 -2.71 -30.29
CA ALA A 113 -23.98 -2.09 -30.98
C ALA A 113 -23.40 -1.18 -32.05
N ASP A 114 -23.90 -1.38 -33.28
CA ASP A 114 -23.58 -0.55 -34.42
C ASP A 114 -24.82 0.30 -34.69
N LEU A 115 -24.70 1.61 -34.53
CA LEU A 115 -25.92 2.43 -34.48
C LEU A 115 -26.08 3.29 -35.76
N PRO A 116 -27.29 3.24 -36.37
CA PRO A 116 -27.57 4.27 -37.38
C PRO A 116 -27.71 5.70 -36.68
N ASP A 117 -27.67 6.70 -37.56
CA ASP A 117 -27.64 8.10 -37.18
C ASP A 117 -28.77 8.51 -36.38
N GLU A 118 -29.97 7.99 -36.69
CA GLU A 118 -31.13 8.31 -35.92
C GLU A 118 -31.04 7.90 -34.42
N SER A 119 -30.30 6.85 -34.09
CA SER A 119 -30.15 6.45 -32.73
C SER A 119 -28.95 7.12 -32.12
N ASP A 120 -28.79 6.81 -30.85
CA ASP A 120 -27.88 7.45 -29.97
C ASP A 120 -27.59 6.40 -28.88
N PRO A 121 -26.30 6.13 -28.64
CA PRO A 121 -25.97 5.08 -27.68
C PRO A 121 -26.52 5.34 -26.29
N VAL A 122 -26.61 6.59 -25.88
CA VAL A 122 -27.20 7.00 -24.64
C VAL A 122 -28.64 6.51 -24.54
N GLU A 123 -29.36 6.50 -25.64
CA GLU A 123 -30.79 6.15 -25.58
C GLU A 123 -30.92 4.61 -25.65
N VAL A 124 -29.95 3.95 -26.29
CA VAL A 124 -29.90 2.48 -26.17
C VAL A 124 -29.62 2.14 -24.66
N ALA A 125 -28.81 2.92 -23.98
CA ALA A 125 -28.44 2.51 -22.63
C ALA A 125 -29.67 2.72 -21.73
N GLU A 126 -30.49 3.78 -22.00
CA GLU A 126 -31.70 4.05 -21.19
C GLU A 126 -32.69 2.95 -21.36
N ARG A 127 -32.86 2.40 -22.56
CA ARG A 127 -33.78 1.24 -22.73
C ARG A 127 -33.20 0.00 -22.11
N ILE A 128 -31.84 -0.12 -22.04
CA ILE A 128 -31.36 -1.17 -21.20
C ILE A 128 -31.74 -1.00 -19.72
N ARG A 129 -31.51 0.17 -19.15
CA ARG A 129 -31.85 0.38 -17.76
C ARG A 129 -33.33 0.21 -17.47
N THR A 130 -34.16 0.72 -18.35
CA THR A 130 -35.62 0.52 -18.29
C THR A 130 -36.16 -0.98 -18.42
N VAL A 131 -35.68 -1.72 -19.39
CA VAL A 131 -36.03 -3.08 -19.49
C VAL A 131 -35.60 -3.87 -18.30
N VAL A 132 -34.40 -3.61 -17.77
CA VAL A 132 -33.94 -4.41 -16.67
C VAL A 132 -34.80 -4.16 -15.41
N ALA A 133 -35.10 -2.89 -15.17
CA ALA A 133 -35.75 -2.50 -13.94
C ALA A 133 -37.21 -3.07 -13.94
N ALA A 134 -37.93 -2.73 -14.98
CA ALA A 134 -39.34 -3.22 -15.22
C ALA A 134 -39.42 -4.74 -15.08
N GLU A 135 -38.50 -5.46 -15.66
CA GLU A 135 -38.68 -6.88 -15.71
C GLU A 135 -38.10 -7.59 -14.50
N THR A 136 -37.07 -7.01 -13.88
CA THR A 136 -36.34 -7.72 -12.84
C THR A 136 -36.33 -6.97 -11.55
N GLY A 137 -36.79 -5.70 -11.49
CA GLY A 137 -36.62 -4.95 -10.22
C GLY A 137 -35.18 -4.61 -9.75
N LEU A 138 -34.20 -4.83 -10.64
CA LEU A 138 -32.80 -4.51 -10.38
C LEU A 138 -32.46 -3.20 -11.09
N SER A 139 -31.65 -2.36 -10.46
CA SER A 139 -31.10 -1.17 -11.15
C SER A 139 -29.71 -1.53 -11.67
N CYS A 140 -29.36 -0.95 -12.80
CA CYS A 140 -28.03 -1.07 -13.38
C CYS A 140 -27.52 0.28 -13.85
N SER A 141 -26.21 0.33 -14.09
CA SER A 141 -25.51 1.46 -14.67
C SER A 141 -24.81 1.02 -16.02
N VAL A 142 -24.60 1.94 -16.89
CA VAL A 142 -24.15 1.61 -18.24
C VAL A 142 -23.10 2.63 -18.63
N GLY A 143 -21.89 2.15 -18.79
CA GLY A 143 -20.87 3.02 -19.41
C GLY A 143 -20.73 2.74 -20.90
N ILE A 144 -20.34 3.75 -21.68
CA ILE A 144 -20.35 3.70 -23.17
C ILE A 144 -19.10 4.13 -23.72
N SER A 145 -18.54 3.35 -24.64
CA SER A 145 -17.31 3.82 -25.35
C SER A 145 -17.17 3.07 -26.62
N ASP A 146 -15.94 2.96 -27.19
CA ASP A 146 -15.69 2.17 -28.37
C ASP A 146 -14.74 0.99 -28.11
N ASN A 147 -14.49 0.67 -26.83
CA ASN A 147 -13.71 -0.50 -26.50
C ASN A 147 -14.09 -0.83 -25.04
N LYS A 148 -13.87 -2.11 -24.63
CA LYS A 148 -14.36 -2.64 -23.38
C LYS A 148 -13.76 -1.96 -22.17
N GLN A 149 -12.44 -1.71 -22.17
CA GLN A 149 -11.76 -1.15 -21.02
C GLN A 149 -12.26 0.21 -20.77
N ARG A 150 -12.39 0.98 -21.82
CA ARG A 150 -12.84 2.36 -21.61
C ARG A 150 -14.28 2.45 -21.25
N ALA A 151 -15.07 1.53 -21.72
CA ALA A 151 -16.51 1.45 -21.31
C ALA A 151 -16.71 1.11 -19.82
N LYS A 152 -15.96 0.12 -19.40
CA LYS A 152 -15.89 -0.29 -18.03
C LYS A 152 -15.44 0.88 -17.09
N VAL A 153 -14.44 1.63 -17.48
CA VAL A 153 -14.00 2.85 -16.79
C VAL A 153 -15.18 3.82 -16.77
N ALA A 154 -15.89 3.98 -17.89
CA ALA A 154 -17.06 4.92 -17.88
C ALA A 154 -18.15 4.59 -16.91
N THR A 155 -18.33 3.28 -16.73
CA THR A 155 -19.33 2.77 -15.86
C THR A 155 -19.09 3.22 -14.40
N GLY A 156 -17.83 3.28 -13.94
CA GLY A 156 -17.61 3.86 -12.66
C GLY A 156 -18.08 5.31 -12.52
N PHE A 157 -18.06 6.07 -13.57
CA PHE A 157 -18.67 7.46 -13.53
C PHE A 157 -20.23 7.47 -13.66
N ALA A 158 -20.78 6.43 -14.25
CA ALA A 158 -22.23 6.31 -14.42
C ALA A 158 -22.94 5.93 -13.15
N LYS A 159 -22.24 5.29 -12.22
CA LYS A 159 -22.83 4.83 -10.96
C LYS A 159 -23.26 6.11 -10.17
N PRO A 160 -24.39 6.07 -9.43
CA PRO A 160 -25.32 4.96 -9.40
C PRO A 160 -26.42 5.25 -10.40
N ALA A 161 -27.12 4.20 -10.84
CA ALA A 161 -28.35 4.34 -11.65
C ALA A 161 -28.23 5.27 -12.82
N GLY A 162 -27.13 5.15 -13.60
CA GLY A 162 -26.88 6.16 -14.62
C GLY A 162 -26.23 5.62 -15.86
N ILE A 163 -25.77 6.58 -16.65
CA ILE A 163 -25.18 6.32 -17.99
C ILE A 163 -24.06 7.31 -18.16
N TYR A 164 -22.89 6.95 -18.71
CA TYR A 164 -21.85 7.91 -18.98
C TYR A 164 -21.09 7.48 -20.20
N VAL A 165 -20.68 8.44 -21.04
CA VAL A 165 -19.95 8.24 -22.27
C VAL A 165 -18.52 8.69 -22.11
N LEU A 166 -17.62 7.79 -22.46
CA LEU A 166 -16.24 8.15 -22.39
C LEU A 166 -15.57 7.72 -23.70
N THR A 167 -15.06 8.69 -24.49
CA THR A 167 -14.48 8.37 -25.81
C THR A 167 -13.21 9.15 -25.94
N GLU A 168 -12.66 9.24 -27.16
CA GLU A 168 -11.43 9.92 -27.44
C GLU A 168 -11.69 11.35 -27.17
N ALA A 169 -12.96 11.82 -27.17
CA ALA A 169 -13.15 13.29 -27.02
C ALA A 169 -12.96 13.72 -25.59
N ASN A 170 -13.33 12.88 -24.63
CA ASN A 170 -13.14 13.30 -23.25
C ASN A 170 -12.22 12.45 -22.36
N TRP A 171 -11.51 11.50 -22.95
CA TRP A 171 -10.62 10.62 -22.20
C TRP A 171 -9.47 11.36 -21.50
N MET A 172 -8.86 12.30 -22.20
CA MET A 172 -7.78 13.10 -21.65
C MET A 172 -8.26 14.07 -20.57
N THR A 173 -9.38 14.73 -20.85
CA THR A 173 -9.97 15.70 -19.93
C THR A 173 -10.47 15.11 -18.63
N VAL A 174 -11.10 13.94 -18.72
CA VAL A 174 -11.67 13.27 -17.55
C VAL A 174 -10.75 12.48 -16.62
N MET A 175 -9.85 11.68 -17.19
CA MET A 175 -8.96 10.82 -16.39
C MET A 175 -7.45 11.06 -16.46
N GLY A 176 -7.01 12.16 -17.05
CA GLY A 176 -5.60 12.43 -17.19
C GLY A 176 -4.82 12.58 -15.88
N ASP A 177 -5.45 13.24 -14.91
CA ASP A 177 -4.84 13.52 -13.62
C ASP A 177 -5.06 12.53 -12.60
N ARG A 178 -5.68 11.39 -12.96
CA ARG A 178 -5.95 10.38 -12.03
C ARG A 178 -4.74 9.42 -11.98
N PRO A 179 -4.57 8.79 -10.84
CA PRO A 179 -3.48 7.87 -10.71
C PRO A 179 -3.61 6.65 -11.61
N PRO A 180 -2.52 5.98 -11.93
CA PRO A 180 -2.60 4.95 -12.93
C PRO A 180 -3.63 3.81 -12.60
N ASP A 181 -3.92 3.61 -11.32
CA ASP A 181 -4.79 2.51 -10.86
C ASP A 181 -6.20 2.85 -11.03
N ALA A 182 -6.50 4.03 -11.52
CA ALA A 182 -7.87 4.22 -12.14
C ALA A 182 -8.05 3.34 -13.40
N LEU A 183 -7.02 2.69 -13.90
CA LEU A 183 -7.17 1.91 -15.09
C LEU A 183 -7.38 0.49 -14.64
N TRP A 184 -8.07 -0.26 -15.47
CA TRP A 184 -8.33 -1.63 -15.20
C TRP A 184 -7.09 -2.57 -15.20
N GLY A 185 -6.85 -3.17 -14.06
CA GLY A 185 -5.79 -4.16 -13.90
C GLY A 185 -4.50 -3.50 -13.47
N VAL A 186 -4.47 -2.16 -13.39
CA VAL A 186 -3.37 -1.53 -12.66
C VAL A 186 -3.80 -1.34 -11.21
N GLY A 187 -3.09 -1.94 -10.25
CA GLY A 187 -3.40 -1.76 -8.85
C GLY A 187 -2.25 -1.14 -8.10
N PRO A 188 -2.23 -1.34 -6.80
CA PRO A 188 -1.27 -0.65 -6.01
C PRO A 188 0.18 -0.98 -6.31
N LYS A 189 0.53 -2.23 -6.64
CA LYS A 189 1.96 -2.54 -6.83
C LYS A 189 2.43 -2.00 -8.19
N THR A 190 1.61 -2.06 -9.22
CA THR A 190 2.07 -1.47 -10.50
C THR A 190 2.21 0.06 -10.30
N THR A 191 1.27 0.61 -9.54
CA THR A 191 1.28 2.02 -9.26
C THR A 191 2.61 2.44 -8.59
N LYS A 192 3.08 1.62 -7.64
CA LYS A 192 4.26 1.95 -6.93
C LYS A 192 5.46 1.85 -7.88
N LYS A 193 5.49 0.80 -8.69
CA LYS A 193 6.57 0.66 -9.60
C LYS A 193 6.59 1.83 -10.62
N LEU A 194 5.38 2.30 -10.98
CA LEU A 194 5.26 3.44 -11.89
C LEU A 194 5.77 4.74 -11.26
N ALA A 195 5.41 4.96 -10.00
CA ALA A 195 5.78 6.16 -9.23
C ALA A 195 7.29 6.27 -9.12
N ALA A 196 7.96 5.12 -9.05
CA ALA A 196 9.42 5.06 -8.96
C ALA A 196 10.10 5.69 -10.17
N MET A 197 9.51 5.50 -11.35
CA MET A 197 10.01 6.05 -12.60
C MET A 197 9.50 7.49 -12.87
N GLY A 198 8.74 8.04 -11.94
CA GLY A 198 8.20 9.39 -12.06
C GLY A 198 6.82 9.47 -12.67
N ILE A 199 6.20 8.32 -12.90
CA ILE A 199 4.87 8.26 -13.46
C ILE A 199 3.85 8.18 -12.37
N THR A 200 3.02 9.18 -12.22
CA THR A 200 2.01 9.27 -11.16
C THR A 200 0.62 9.53 -11.66
N THR A 201 0.41 9.67 -12.94
CA THR A 201 -0.92 9.86 -13.51
C THR A 201 -1.07 9.13 -14.84
N VAL A 202 -2.32 9.03 -15.30
CA VAL A 202 -2.64 8.44 -16.55
C VAL A 202 -1.94 9.18 -17.67
N ALA A 203 -2.02 10.52 -17.66
CA ALA A 203 -1.50 11.33 -18.70
C ALA A 203 0.01 11.15 -18.72
N ASP A 204 0.64 11.03 -17.55
CA ASP A 204 2.05 10.76 -17.50
C ASP A 204 2.38 9.40 -18.12
N LEU A 205 1.61 8.35 -17.75
CA LEU A 205 1.75 7.06 -18.39
C LEU A 205 1.55 7.08 -19.88
N ALA A 206 0.54 7.86 -20.34
CA ALA A 206 0.20 7.88 -21.77
C ALA A 206 1.36 8.39 -22.65
N VAL A 207 2.30 9.17 -22.09
CA VAL A 207 3.36 9.77 -22.84
C VAL A 207 4.73 9.20 -22.43
N THR A 208 4.74 8.02 -21.77
CA THR A 208 5.95 7.44 -21.36
C THR A 208 6.60 6.72 -22.52
N ASP A 209 7.92 6.80 -22.61
CA ASP A 209 8.62 6.18 -23.70
C ASP A 209 8.36 4.64 -23.64
N PRO A 210 7.97 4.04 -24.75
CA PRO A 210 7.70 2.57 -24.71
C PRO A 210 8.82 1.70 -24.17
N SER A 211 10.10 2.03 -24.48
CA SER A 211 11.17 1.18 -24.01
C SER A 211 11.33 1.27 -22.46
N VAL A 212 10.92 2.32 -21.80
CA VAL A 212 10.91 2.32 -20.32
C VAL A 212 9.91 1.31 -19.86
N LEU A 213 8.71 1.26 -20.47
CA LEU A 213 7.73 0.31 -20.05
C LEU A 213 7.99 -1.10 -20.51
N THR A 214 8.55 -1.28 -21.71
CA THR A 214 8.89 -2.63 -22.18
C THR A 214 10.04 -3.26 -21.40
N THR A 215 11.05 -2.50 -21.03
CA THR A 215 12.10 -2.99 -20.11
C THR A 215 11.55 -3.34 -18.74
N ALA A 216 10.65 -2.53 -18.23
CA ALA A 216 10.22 -2.76 -16.84
C ALA A 216 9.20 -3.81 -16.69
N PHE A 217 8.36 -4.05 -17.71
CA PHE A 217 7.16 -4.86 -17.59
C PHE A 217 7.07 -5.88 -18.68
N GLY A 218 7.95 -5.91 -19.66
CA GLY A 218 7.84 -6.94 -20.68
C GLY A 218 7.36 -6.29 -21.94
N PRO A 219 7.73 -6.86 -23.10
CA PRO A 219 7.50 -6.23 -24.40
C PRO A 219 6.03 -6.21 -24.78
N SER A 220 5.19 -7.06 -24.22
CA SER A 220 3.77 -7.01 -24.57
C SER A 220 2.95 -6.29 -23.46
N THR A 221 3.22 -6.58 -22.20
CA THR A 221 2.62 -5.79 -21.12
C THR A 221 2.90 -4.29 -21.10
N GLY A 222 4.13 -3.93 -21.41
CA GLY A 222 4.56 -2.55 -21.37
C GLY A 222 3.79 -1.79 -22.38
N LEU A 223 3.56 -2.36 -23.58
CA LEU A 223 2.78 -1.69 -24.61
C LEU A 223 1.32 -1.70 -24.28
N TRP A 224 0.87 -2.76 -23.67
CA TRP A 224 -0.52 -2.79 -23.22
C TRP A 224 -0.87 -1.69 -22.21
N LEU A 225 0.04 -1.37 -21.31
CA LEU A 225 -0.20 -0.34 -20.32
C LEU A 225 -0.27 1.10 -20.99
N LEU A 226 0.57 1.28 -21.99
CA LEU A 226 0.43 2.44 -22.85
C LEU A 226 -0.94 2.55 -23.52
N LEU A 227 -1.38 1.46 -24.06
CA LEU A 227 -2.65 1.41 -24.72
C LEU A 227 -3.79 1.77 -23.75
N LEU A 228 -3.69 1.20 -22.58
CA LEU A 228 -4.66 1.45 -21.52
C LEU A 228 -4.69 2.91 -21.13
N ALA A 229 -3.51 3.51 -20.96
CA ALA A 229 -3.41 4.90 -20.59
C ALA A 229 -3.97 5.85 -21.66
N LYS A 230 -3.89 5.44 -22.91
CA LYS A 230 -4.39 6.23 -24.00
C LYS A 230 -5.87 5.94 -24.25
N GLY A 231 -6.49 5.06 -23.48
CA GLY A 231 -7.95 4.87 -23.53
C GLY A 231 -8.33 3.80 -24.46
N GLY A 232 -7.36 2.98 -24.91
CA GLY A 232 -7.71 1.92 -25.92
C GLY A 232 -7.95 0.64 -25.15
N GLY A 233 -8.37 -0.35 -25.87
CA GLY A 233 -8.72 -1.67 -25.28
C GLY A 233 -9.16 -2.65 -26.33
N ASP A 234 -9.80 -3.71 -25.85
CA ASP A 234 -10.50 -4.72 -26.67
C ASP A 234 -11.74 -4.17 -27.28
N THR A 235 -11.95 -4.45 -28.60
CA THR A 235 -13.09 -3.92 -29.28
C THR A 235 -14.03 -4.97 -29.68
N GLU A 236 -13.69 -6.22 -29.54
CA GLU A 236 -14.64 -7.26 -29.98
C GLU A 236 -15.44 -7.77 -28.81
N VAL A 237 -16.75 -7.75 -28.94
CA VAL A 237 -17.66 -8.40 -28.04
C VAL A 237 -18.04 -9.79 -28.53
N SER A 238 -17.51 -10.84 -27.90
CA SER A 238 -17.81 -12.21 -28.31
C SER A 238 -18.90 -12.79 -27.45
N SER A 239 -19.92 -13.37 -28.11
CA SER A 239 -21.03 -14.03 -27.48
C SER A 239 -20.65 -15.47 -27.11
N GLU A 240 -19.41 -15.89 -27.33
CA GLU A 240 -18.96 -17.27 -27.09
C GLU A 240 -18.99 -17.63 -25.58
N PRO A 241 -19.36 -18.84 -25.22
CA PRO A 241 -19.59 -19.06 -23.79
C PRO A 241 -18.25 -19.16 -23.02
N TRP A 242 -18.20 -18.55 -21.86
CA TRP A 242 -17.06 -18.66 -20.95
C TRP A 242 -16.90 -20.09 -20.45
N VAL A 243 -15.71 -20.64 -20.58
CA VAL A 243 -15.28 -21.90 -20.00
C VAL A 243 -14.36 -21.68 -18.77
N PRO A 244 -14.89 -21.95 -17.58
CA PRO A 244 -14.09 -21.77 -16.38
C PRO A 244 -12.80 -22.61 -16.51
N ARG A 245 -11.72 -22.07 -16.01
CA ARG A 245 -10.37 -22.72 -15.95
C ARG A 245 -10.15 -23.50 -14.66
N SER A 246 -10.98 -23.30 -13.66
CA SER A 246 -10.77 -23.91 -12.37
C SER A 246 -12.08 -23.85 -11.59
N ARG A 247 -12.16 -24.57 -10.47
CA ARG A 247 -13.17 -24.40 -9.47
C ARG A 247 -12.58 -24.74 -8.15
N SER A 248 -13.02 -24.05 -7.10
CA SER A 248 -12.48 -24.13 -5.80
C SER A 248 -13.49 -23.90 -4.67
N HIS A 249 -13.18 -24.48 -3.53
CA HIS A 249 -13.86 -24.23 -2.30
C HIS A 249 -12.84 -24.17 -1.17
N VAL A 250 -13.02 -23.14 -0.34
CA VAL A 250 -12.23 -22.95 0.89
C VAL A 250 -13.21 -22.82 2.05
N VAL A 251 -12.74 -23.20 3.24
CA VAL A 251 -13.57 -23.05 4.44
C VAL A 251 -12.68 -22.48 5.51
N THR A 252 -13.03 -21.33 6.05
CA THR A 252 -12.48 -20.85 7.36
C THR A 252 -13.30 -21.51 8.51
N PHE A 253 -12.63 -22.17 9.46
CA PHE A 253 -13.33 -22.93 10.46
C PHE A 253 -13.75 -22.05 11.66
N PRO A 254 -14.94 -22.35 12.28
CA PRO A 254 -15.40 -21.62 13.53
C PRO A 254 -14.39 -21.66 14.67
N GLN A 255 -13.69 -22.78 14.85
CA GLN A 255 -12.41 -22.75 15.54
C GLN A 255 -11.24 -23.50 14.84
N ASP A 256 -10.05 -22.93 14.97
CA ASP A 256 -8.86 -23.47 14.32
C ASP A 256 -8.72 -24.98 14.61
N LEU A 257 -8.31 -25.74 13.60
CA LEU A 257 -8.08 -27.18 13.74
C LEU A 257 -6.66 -27.45 14.23
N THR A 258 -6.52 -28.44 15.10
CA THR A 258 -5.21 -28.95 15.55
C THR A 258 -5.03 -30.45 15.29
N GLU A 259 -6.14 -31.21 15.26
CA GLU A 259 -6.11 -32.63 14.82
C GLU A 259 -5.90 -32.68 13.27
N ARG A 260 -4.88 -33.43 12.89
CA ARG A 260 -4.52 -33.68 11.51
C ARG A 260 -5.60 -34.53 10.88
N ARG A 261 -6.15 -35.46 11.64
CA ARG A 261 -7.35 -36.23 11.24
C ARG A 261 -8.38 -35.28 10.59
N GLU A 262 -8.68 -34.18 11.27
CA GLU A 262 -9.72 -33.25 10.83
C GLU A 262 -9.31 -32.40 9.63
N MET A 263 -8.01 -32.09 9.52
CA MET A 263 -7.47 -31.34 8.36
C MET A 263 -7.57 -32.16 7.07
N ASP A 264 -7.19 -33.43 7.17
CA ASP A 264 -7.30 -34.41 6.09
C ASP A 264 -8.73 -34.56 5.62
N SER A 265 -9.59 -34.81 6.60
CA SER A 265 -10.99 -35.06 6.35
C SER A 265 -11.67 -33.80 5.69
N ALA A 266 -11.17 -32.59 6.03
CA ALA A 266 -11.78 -31.38 5.46
C ALA A 266 -11.35 -31.25 4.00
N VAL A 267 -10.05 -31.47 3.72
CA VAL A 267 -9.48 -31.40 2.34
C VAL A 267 -10.07 -32.47 1.46
N ARG A 268 -10.27 -33.64 2.03
CA ARG A 268 -10.89 -34.74 1.33
C ARG A 268 -12.36 -34.36 0.94
N ASP A 269 -13.10 -33.81 1.91
CA ASP A 269 -14.45 -33.33 1.69
C ASP A 269 -14.49 -32.15 0.66
N LEU A 270 -13.52 -31.23 0.71
CA LEU A 270 -13.49 -30.15 -0.33
C LEU A 270 -13.15 -30.63 -1.72
N ALA A 271 -12.26 -31.60 -1.80
CA ALA A 271 -11.89 -32.20 -3.09
C ALA A 271 -13.04 -32.94 -3.68
N LEU A 272 -13.68 -33.77 -2.86
CA LEU A 272 -14.91 -34.47 -3.35
C LEU A 272 -16.05 -33.57 -3.83
N GLN A 273 -16.35 -32.54 -3.08
CA GLN A 273 -17.40 -31.55 -3.40
C GLN A 273 -17.08 -30.82 -4.74
N THR A 274 -15.87 -30.31 -4.84
CA THR A 274 -15.47 -29.60 -6.02
C THR A 274 -15.49 -30.55 -7.21
N LEU A 275 -14.95 -31.77 -7.06
CA LEU A 275 -14.97 -32.75 -8.17
C LEU A 275 -16.36 -33.10 -8.69
N ALA A 276 -17.32 -33.27 -7.76
CA ALA A 276 -18.69 -33.63 -8.17
C ALA A 276 -19.27 -32.44 -8.92
N GLU A 277 -18.96 -31.21 -8.49
CA GLU A 277 -19.49 -30.08 -9.25
C GLU A 277 -18.84 -30.01 -10.63
N ILE A 278 -17.52 -30.25 -10.77
CA ILE A 278 -16.99 -30.12 -12.12
C ILE A 278 -17.46 -31.26 -13.07
N VAL A 279 -17.73 -32.41 -12.49
CA VAL A 279 -18.19 -33.63 -13.25
C VAL A 279 -19.64 -33.34 -13.70
N GLU A 280 -20.40 -32.64 -12.88
CA GLU A 280 -21.77 -32.28 -13.26
C GLU A 280 -21.75 -31.30 -14.44
N GLN A 281 -20.72 -30.43 -14.51
CA GLN A 281 -20.58 -29.48 -15.59
C GLN A 281 -19.85 -30.06 -16.80
N GLY A 282 -19.59 -31.36 -16.78
CA GLY A 282 -18.90 -32.06 -17.82
C GLY A 282 -17.42 -31.82 -17.99
N ARG A 283 -16.73 -31.50 -16.87
CA ARG A 283 -15.33 -31.12 -16.96
C ARG A 283 -14.44 -32.31 -16.53
N ILE A 284 -13.12 -32.18 -16.76
CA ILE A 284 -12.06 -33.11 -16.38
C ILE A 284 -10.92 -32.34 -15.67
N VAL A 285 -10.40 -32.88 -14.56
CA VAL A 285 -9.43 -32.23 -13.77
C VAL A 285 -8.02 -32.49 -14.35
N THR A 286 -7.13 -31.46 -14.34
CA THR A 286 -5.75 -31.55 -14.77
C THR A 286 -4.83 -31.41 -13.60
N ARG A 287 -5.08 -30.47 -12.66
CA ARG A 287 -4.16 -30.26 -11.55
C ARG A 287 -4.97 -30.05 -10.31
N VAL A 288 -4.35 -30.31 -9.17
CA VAL A 288 -5.01 -30.26 -7.89
C VAL A 288 -4.16 -29.38 -6.95
N ALA A 289 -4.74 -28.27 -6.46
CA ALA A 289 -4.10 -27.39 -5.53
C ALA A 289 -4.75 -27.45 -4.15
N VAL A 290 -3.91 -27.38 -3.14
CA VAL A 290 -4.37 -27.33 -1.77
C VAL A 290 -3.86 -26.01 -1.20
N THR A 291 -4.71 -25.37 -0.40
CA THR A 291 -4.31 -24.12 0.34
C THR A 291 -4.47 -24.31 1.84
N VAL A 292 -3.45 -23.85 2.61
CA VAL A 292 -3.49 -23.96 4.04
C VAL A 292 -3.17 -22.60 4.63
N ARG A 293 -4.02 -22.17 5.57
CA ARG A 293 -3.81 -20.96 6.32
C ARG A 293 -3.82 -21.27 7.81
N THR A 294 -2.79 -20.84 8.51
CA THR A 294 -2.71 -21.01 9.97
C THR A 294 -3.43 -19.88 10.76
N SER A 295 -3.61 -20.08 12.08
CA SER A 295 -4.01 -19.03 13.05
C SER A 295 -3.20 -17.73 13.00
N THR A 296 -1.91 -17.81 12.61
CA THR A 296 -1.03 -16.66 12.16
C THR A 296 -1.50 -15.84 10.96
N PHE A 297 -2.52 -16.30 10.21
CA PHE A 297 -2.71 -15.85 8.82
C PHE A 297 -1.56 -16.12 7.86
N TYR A 298 -0.82 -17.19 8.17
CA TYR A 298 0.24 -17.65 7.31
C TYR A 298 -0.46 -18.58 6.34
N THR A 299 -0.40 -18.23 5.04
CA THR A 299 -1.18 -18.95 4.03
C THR A 299 -0.28 -19.29 2.85
N ARG A 300 -0.38 -20.55 2.45
CA ARG A 300 0.33 -21.06 1.29
C ARG A 300 -0.54 -22.01 0.52
N THR A 301 -0.16 -22.10 -0.75
CA THR A 301 -0.78 -22.96 -1.69
C THR A 301 0.24 -23.82 -2.44
N LYS A 302 -0.07 -25.09 -2.57
CA LYS A 302 0.71 -26.06 -3.32
C LYS A 302 -0.18 -26.78 -4.30
N ILE A 303 0.42 -27.07 -5.45
CA ILE A 303 -0.29 -27.71 -6.54
C ILE A 303 0.52 -28.86 -7.19
N ARG A 304 -0.24 -29.82 -7.69
CA ARG A 304 0.31 -30.96 -8.41
C ARG A 304 -0.58 -31.37 -9.60
N LYS A 305 0.09 -31.63 -10.73
CA LYS A 305 -0.52 -32.07 -11.95
C LYS A 305 -0.74 -33.59 -11.90
N LEU A 306 -1.97 -34.01 -12.23
CA LEU A 306 -2.27 -35.41 -12.46
C LEU A 306 -1.43 -35.97 -13.63
N PRO A 307 -1.13 -37.27 -13.55
CA PRO A 307 -0.30 -37.82 -14.67
C PRO A 307 -1.01 -37.62 -15.96
N ALA A 308 -2.31 -37.79 -16.00
CA ALA A 308 -3.16 -37.46 -17.14
C ALA A 308 -4.49 -36.85 -16.61
N PRO A 309 -5.21 -36.12 -17.47
CA PRO A 309 -6.54 -35.54 -17.04
C PRO A 309 -7.50 -36.66 -16.50
N SER A 310 -8.20 -36.46 -15.41
CA SER A 310 -9.06 -37.50 -14.88
C SER A 310 -10.20 -36.87 -14.09
N THR A 311 -11.12 -37.71 -13.80
CA THR A 311 -12.25 -37.41 -13.02
C THR A 311 -12.28 -38.37 -11.84
N ASP A 312 -11.22 -39.18 -11.64
CA ASP A 312 -11.27 -40.26 -10.68
C ASP A 312 -11.23 -39.70 -9.26
N ALA A 313 -12.28 -40.00 -8.47
CA ALA A 313 -12.39 -39.52 -7.09
C ALA A 313 -11.26 -40.01 -6.18
N GLY A 314 -10.97 -41.31 -6.15
CA GLY A 314 -9.90 -41.85 -5.28
C GLY A 314 -8.52 -41.26 -5.64
N GLN A 315 -8.21 -41.18 -6.92
CA GLN A 315 -7.00 -40.51 -7.34
C GLN A 315 -6.94 -39.03 -6.90
N ILE A 316 -8.02 -38.27 -7.09
CA ILE A 316 -7.92 -36.81 -6.80
C ILE A 316 -7.82 -36.58 -5.27
N VAL A 317 -8.52 -37.38 -4.48
CA VAL A 317 -8.41 -37.28 -3.03
C VAL A 317 -6.98 -37.57 -2.57
N ASP A 318 -6.41 -38.65 -3.06
CA ASP A 318 -5.06 -39.03 -2.65
C ASP A 318 -4.09 -37.96 -3.04
N THR A 319 -4.30 -37.38 -4.22
CA THR A 319 -3.42 -36.35 -4.67
C THR A 319 -3.53 -35.16 -3.69
N ALA A 320 -4.75 -34.80 -3.31
CA ALA A 320 -4.93 -33.57 -2.48
C ALA A 320 -4.28 -33.73 -1.06
N LEU A 321 -4.48 -34.91 -0.50
CA LEU A 321 -3.94 -35.29 0.79
C LEU A 321 -2.45 -35.43 0.72
N ALA A 322 -1.93 -35.91 -0.40
CA ALA A 322 -0.50 -35.98 -0.62
C ALA A 322 0.05 -34.58 -0.60
N VAL A 323 -0.62 -33.67 -1.30
CA VAL A 323 -0.18 -32.27 -1.35
C VAL A 323 -0.30 -31.61 0.04
N LEU A 324 -1.43 -31.87 0.72
CA LEU A 324 -1.62 -31.49 2.11
C LEU A 324 -0.44 -31.93 2.98
N ASP A 325 -0.03 -33.20 2.87
CA ASP A 325 1.14 -33.77 3.59
C ASP A 325 2.48 -33.03 3.39
N GLN A 326 2.66 -32.35 2.25
CA GLN A 326 3.86 -31.48 2.00
C GLN A 326 3.91 -30.16 2.80
N PHE A 327 2.88 -29.85 3.57
CA PHE A 327 2.94 -28.70 4.49
C PHE A 327 3.42 -29.20 5.86
N GLU A 328 4.23 -28.42 6.56
CA GLU A 328 4.50 -28.63 8.01
C GLU A 328 3.24 -28.20 8.73
N LEU A 329 2.55 -29.09 9.42
CA LEU A 329 1.23 -28.75 9.97
C LEU A 329 1.32 -28.77 11.50
N ASP A 330 2.27 -27.97 11.98
CA ASP A 330 2.67 -27.86 13.41
C ASP A 330 2.11 -26.56 14.04
N ARG A 331 1.07 -26.00 13.41
CA ARG A 331 0.39 -24.79 13.91
C ARG A 331 -1.09 -24.95 13.70
N PRO A 332 -1.88 -24.27 14.56
CA PRO A 332 -3.32 -24.43 14.36
C PRO A 332 -3.74 -23.85 12.98
N VAL A 333 -4.70 -24.55 12.36
CA VAL A 333 -5.09 -24.24 10.99
C VAL A 333 -6.46 -23.52 10.94
N ARG A 334 -6.42 -22.29 10.48
CA ARG A 334 -7.63 -21.45 10.37
C ARG A 334 -8.51 -21.84 9.13
N LEU A 335 -7.85 -22.04 7.98
CA LEU A 335 -8.53 -22.38 6.76
C LEU A 335 -7.81 -23.50 6.01
N LEU A 336 -8.59 -24.25 5.22
CA LEU A 336 -8.10 -25.15 4.20
C LEU A 336 -8.90 -24.98 2.89
N GLY A 337 -8.23 -25.20 1.79
CA GLY A 337 -8.94 -25.01 0.51
C GLY A 337 -8.50 -25.97 -0.52
N VAL A 338 -9.37 -26.27 -1.48
CA VAL A 338 -8.90 -27.00 -2.66
C VAL A 338 -9.39 -26.38 -3.90
N ARG A 339 -8.52 -26.36 -4.92
N ARG A 339 -8.52 -26.36 -4.93
CA ARG A 339 -8.83 -25.90 -6.26
CA ARG A 339 -8.81 -25.86 -6.26
C ARG A 339 -8.47 -26.94 -7.26
C ARG A 339 -8.46 -26.90 -7.28
N LEU A 340 -9.38 -27.18 -8.21
CA LEU A 340 -9.18 -28.19 -9.30
C LEU A 340 -9.04 -27.42 -10.58
N GLU A 341 -7.88 -27.46 -11.22
CA GLU A 341 -7.75 -26.87 -12.54
C GLU A 341 -8.33 -27.82 -13.50
N LEU A 342 -8.90 -27.32 -14.54
CA LEU A 342 -9.61 -27.94 -15.56
C LEU A 342 -9.15 -27.95 -16.97
N ALA A 343 -9.43 -29.05 -17.65
CA ALA A 343 -9.02 -29.22 -19.04
C ALA A 343 -9.77 -28.27 -19.98
N MET A 344 -9.04 -27.67 -20.90
CA MET A 344 -9.63 -26.74 -21.87
C MET A 344 -9.30 -27.16 -23.30
N ASP A 345 -9.04 -28.44 -23.49
CA ASP A 345 -8.71 -28.98 -24.82
C ASP A 345 -9.91 -28.91 -25.75
N ASP A 346 -10.85 -29.84 -25.58
CA ASP A 346 -12.05 -29.88 -26.42
C ASP A 346 -13.30 -29.59 -25.59
N VAL A 347 -13.54 -28.30 -25.34
CA VAL A 347 -14.70 -27.85 -24.57
C VAL A 347 -14.84 -28.61 -23.25
N MET D 1 1.84 26.86 35.53
CA MET D 1 2.93 26.68 34.47
C MET D 1 2.55 25.53 33.56
N THR D 2 2.91 25.61 32.28
CA THR D 2 2.70 24.52 31.35
C THR D 2 4.04 24.12 30.78
N LYS D 3 4.25 22.81 30.62
CA LYS D 3 5.45 22.29 30.00
C LYS D 3 5.30 22.19 28.47
N TRP D 4 5.78 23.21 27.76
CA TRP D 4 5.59 23.18 26.33
C TRP D 4 6.70 22.39 25.72
N VAL D 5 6.42 21.73 24.57
CA VAL D 5 7.43 21.11 23.75
C VAL D 5 7.32 21.77 22.37
N LEU D 6 8.43 22.37 21.91
CA LEU D 6 8.50 23.02 20.64
C LEU D 6 9.41 22.18 19.77
N HIS D 7 8.94 21.89 18.59
CA HIS D 7 9.73 21.15 17.66
C HIS D 7 10.12 22.08 16.56
N VAL D 8 11.40 22.16 16.33
CA VAL D 8 11.95 23.04 15.32
C VAL D 8 12.51 22.21 14.22
N ASP D 9 12.17 22.54 12.98
CA ASP D 9 12.52 21.76 11.82
C ASP D 9 12.88 22.71 10.67
N LEU D 10 14.10 22.56 10.14
CA LEU D 10 14.64 23.46 9.06
C LEU D 10 13.86 23.26 7.77
N ASP D 11 13.51 24.37 7.09
CA ASP D 11 12.80 24.32 5.83
C ASP D 11 13.72 23.92 4.70
N GLN D 12 13.27 22.87 3.94
CA GLN D 12 13.98 22.30 2.79
C GLN D 12 15.44 22.32 2.97
N PHE D 13 15.84 21.70 4.07
CA PHE D 13 17.15 21.91 4.59
C PHE D 13 18.31 21.87 3.58
N TYR D 14 18.53 20.75 2.89
CA TYR D 14 19.70 20.61 2.06
C TYR D 14 19.69 21.66 0.98
N ALA D 15 18.59 21.78 0.30
CA ALA D 15 18.41 22.77 -0.70
C ALA D 15 18.62 24.19 -0.18
N SER D 16 18.17 24.49 1.03
CA SER D 16 18.38 25.85 1.68
C SER D 16 19.85 26.15 1.77
N VAL D 17 20.61 25.14 2.20
CA VAL D 17 22.00 25.27 2.40
C VAL D 17 22.62 25.61 1.09
N GLU D 18 22.28 24.80 0.06
CA GLU D 18 22.77 25.12 -1.32
C GLU D 18 22.42 26.50 -1.83
N LEU D 19 21.15 26.93 -1.60
CA LEU D 19 20.60 28.21 -2.12
C LEU D 19 21.30 29.32 -1.49
N ARG D 20 21.64 29.16 -0.22
CA ARG D 20 22.47 30.21 0.46
C ARG D 20 23.82 30.54 -0.17
N ARG D 21 24.42 29.63 -0.95
CA ARG D 21 25.73 29.92 -1.63
C ARG D 21 25.55 30.04 -3.18
N ARG D 22 24.30 29.97 -3.61
CA ARG D 22 23.95 30.01 -5.03
C ARG D 22 22.71 30.90 -5.25
N PRO D 23 22.88 32.24 -5.17
CA PRO D 23 21.76 33.16 -5.43
C PRO D 23 21.23 33.11 -6.86
N ASP D 24 22.10 32.74 -7.80
CA ASP D 24 21.77 32.53 -9.21
C ASP D 24 20.67 31.37 -9.38
N LEU D 25 20.57 30.46 -8.39
CA LEU D 25 19.53 29.41 -8.38
C LEU D 25 18.17 29.83 -7.72
N ARG D 26 18.07 31.07 -7.18
CA ARG D 26 16.94 31.46 -6.39
C ARG D 26 15.67 31.43 -7.26
N GLY D 27 14.56 31.01 -6.64
CA GLY D 27 13.33 30.71 -7.33
C GLY D 27 13.31 29.56 -8.32
N GLN D 28 14.41 28.78 -8.48
CA GLN D 28 14.40 27.63 -9.42
C GLN D 28 14.28 26.22 -8.76
N PRO D 29 13.89 25.20 -9.54
CA PRO D 29 13.81 23.84 -8.95
C PRO D 29 15.19 23.26 -8.76
N VAL D 30 15.59 23.09 -7.54
CA VAL D 30 16.88 22.54 -7.19
C VAL D 30 16.61 21.18 -6.54
N ILE D 31 17.34 20.18 -7.00
CA ILE D 31 17.21 18.83 -6.57
C ILE D 31 18.59 18.35 -6.13
N VAL D 32 18.73 18.08 -4.85
CA VAL D 32 19.94 17.57 -4.23
C VAL D 32 19.92 16.05 -4.22
N GLY D 33 20.91 15.46 -4.86
CA GLY D 33 21.29 14.05 -4.59
C GLY D 33 22.28 13.43 -5.60
N GLY D 34 22.71 12.18 -5.27
CA GLY D 34 23.70 11.47 -6.08
C GLY D 34 24.92 12.35 -6.26
N SER D 35 25.44 12.46 -7.48
CA SER D 35 26.66 13.24 -7.78
C SER D 35 26.24 14.38 -8.66
N GLY D 36 24.91 14.61 -8.74
CA GLY D 36 24.40 15.71 -9.55
C GLY D 36 24.26 15.31 -11.00
N ASP D 37 24.39 14.00 -11.25
CA ASP D 37 24.21 13.40 -12.56
C ASP D 37 22.81 12.76 -12.57
N PRO D 38 21.83 13.44 -13.17
CA PRO D 38 20.48 12.80 -13.23
C PRO D 38 20.43 11.40 -14.05
N SER D 39 21.46 11.06 -14.81
CA SER D 39 21.46 9.85 -15.71
C SER D 39 21.86 8.53 -15.02
N GLU D 40 21.76 8.48 -13.72
CA GLU D 40 22.47 7.48 -13.00
C GLU D 40 21.48 6.70 -12.21
N PRO D 41 21.34 5.43 -12.56
CA PRO D 41 20.34 4.69 -11.82
C PRO D 41 20.85 4.34 -10.46
N ARG D 42 19.90 3.86 -9.64
CA ARG D 42 20.17 3.41 -8.27
C ARG D 42 20.56 4.49 -7.30
N LYS D 43 20.29 5.73 -7.68
CA LYS D 43 20.40 6.94 -6.87
C LYS D 43 19.06 7.77 -6.78
N VAL D 44 18.90 8.47 -5.64
CA VAL D 44 17.62 9.03 -5.21
C VAL D 44 17.84 10.52 -4.80
N VAL D 45 16.75 11.28 -4.91
CA VAL D 45 16.63 12.55 -4.39
C VAL D 45 16.73 12.45 -2.89
N THR D 46 17.60 13.30 -2.38
CA THR D 46 17.75 13.45 -0.99
C THR D 46 16.97 14.64 -0.45
N CYS D 47 16.99 15.78 -1.17
CA CYS D 47 16.15 16.89 -0.87
C CYS D 47 15.81 17.61 -2.19
N ALA D 48 14.53 17.81 -2.46
CA ALA D 48 13.99 18.66 -3.51
C ALA D 48 13.56 19.94 -2.85
N SER D 49 13.91 21.04 -3.48
CA SER D 49 13.47 22.34 -3.04
C SER D 49 11.96 22.42 -3.20
N TYR D 50 11.37 23.36 -2.45
CA TYR D 50 9.97 23.63 -2.63
C TYR D 50 9.56 23.79 -4.10
N GLU D 51 10.39 24.42 -4.94
CA GLU D 51 10.00 24.72 -6.31
C GLU D 51 9.95 23.35 -7.11
N ALA D 52 10.88 22.45 -6.81
CA ALA D 52 10.85 21.14 -7.36
C ALA D 52 9.73 20.24 -6.90
N ARG D 53 9.23 20.44 -5.65
CA ARG D 53 8.15 19.65 -5.15
C ARG D 53 6.89 19.94 -5.88
N GLU D 54 6.78 21.12 -6.47
CA GLU D 54 5.61 21.48 -7.20
C GLU D 54 5.56 20.62 -8.44
N PHE D 55 6.68 20.10 -8.91
CA PHE D 55 6.68 19.16 -10.08
C PHE D 55 6.44 17.65 -9.65
N GLY D 56 6.17 17.45 -8.36
CA GLY D 56 5.99 16.12 -7.73
C GLY D 56 7.28 15.40 -7.32
N VAL D 57 8.43 16.11 -7.29
CA VAL D 57 9.70 15.53 -6.87
C VAL D 57 9.73 15.58 -5.39
N HIS D 58 10.16 14.47 -4.79
CA HIS D 58 10.31 14.37 -3.34
C HIS D 58 11.52 13.46 -3.00
N ALA D 59 11.92 13.51 -1.73
CA ALA D 59 12.99 12.75 -1.13
C ALA D 59 12.60 11.28 -1.32
N GLY D 60 13.58 10.45 -1.69
CA GLY D 60 13.38 9.03 -1.91
C GLY D 60 13.04 8.66 -3.34
N MET D 61 12.81 9.67 -4.16
CA MET D 61 12.50 9.45 -5.57
C MET D 61 13.77 9.14 -6.37
N PRO D 62 13.65 8.28 -7.40
CA PRO D 62 14.82 7.96 -8.24
C PRO D 62 15.25 9.22 -8.97
N LEU D 63 16.54 9.46 -9.11
CA LEU D 63 16.95 10.65 -9.75
C LEU D 63 16.43 10.65 -11.17
N ARG D 64 16.33 9.51 -11.80
CA ARG D 64 15.90 9.51 -13.25
C ARG D 64 14.42 9.84 -13.42
N ALA D 65 13.67 9.43 -12.42
CA ALA D 65 12.26 9.79 -12.31
C ALA D 65 12.15 11.30 -12.05
N ALA D 66 13.02 11.88 -11.18
CA ALA D 66 12.96 13.32 -10.91
C ALA D 66 13.25 14.08 -12.20
N ALA D 67 14.24 13.63 -12.94
CA ALA D 67 14.57 14.29 -14.18
C ALA D 67 13.38 14.19 -15.11
N ARG D 68 12.68 13.04 -15.15
CA ARG D 68 11.51 12.94 -16.01
C ARG D 68 10.39 13.91 -15.57
N ARG D 69 10.24 14.15 -14.26
CA ARG D 69 9.23 15.08 -13.76
C ARG D 69 9.63 16.58 -13.82
N CYS D 70 10.90 16.93 -13.69
CA CYS D 70 11.28 18.29 -13.66
C CYS D 70 12.61 18.44 -14.53
N PRO D 71 12.50 18.37 -15.87
CA PRO D 71 13.65 18.45 -16.81
C PRO D 71 14.54 19.64 -16.61
N ASP D 72 13.99 20.79 -16.28
CA ASP D 72 14.80 22.00 -16.10
C ASP D 72 15.38 22.20 -14.71
N ALA D 73 15.30 21.22 -13.82
CA ALA D 73 15.80 21.43 -12.47
C ALA D 73 17.31 21.48 -12.54
N THR D 74 17.92 22.06 -11.51
CA THR D 74 19.36 21.91 -11.33
C THR D 74 19.66 20.94 -10.27
N PHE D 75 20.40 19.92 -10.63
CA PHE D 75 20.72 18.81 -9.77
C PHE D 75 22.02 19.14 -9.16
N LEU D 76 22.12 19.00 -7.84
CA LEU D 76 23.38 19.21 -7.10
C LEU D 76 23.81 17.99 -6.33
N PRO D 77 25.13 17.75 -6.29
CA PRO D 77 25.52 16.58 -5.53
C PRO D 77 25.28 16.91 -4.07
N SER D 78 25.04 15.85 -3.32
CA SER D 78 25.03 15.94 -1.90
C SER D 78 26.35 16.51 -1.37
N ASP D 79 26.24 17.32 -0.31
CA ASP D 79 27.38 17.89 0.38
C ASP D 79 27.17 17.79 1.91
N PRO D 80 27.45 16.56 2.46
CA PRO D 80 27.35 16.29 3.87
C PRO D 80 28.11 17.29 4.78
N ALA D 81 29.35 17.65 4.41
CA ALA D 81 30.12 18.55 5.26
C ALA D 81 29.42 19.89 5.44
N ALA D 82 28.82 20.39 4.35
CA ALA D 82 28.10 21.66 4.43
C ALA D 82 26.86 21.59 5.35
N TYR D 83 26.10 20.50 5.24
CA TYR D 83 24.85 20.33 5.99
C TYR D 83 25.11 20.20 7.49
N ASP D 84 26.05 19.33 7.82
CA ASP D 84 26.52 19.23 9.19
C ASP D 84 26.92 20.59 9.81
N GLU D 85 27.77 21.27 9.12
CA GLU D 85 28.24 22.55 9.64
C GLU D 85 27.04 23.57 9.77
N ALA D 86 26.18 23.67 8.75
CA ALA D 86 25.01 24.52 8.85
C ALA D 86 24.16 24.03 10.06
N SER D 87 24.12 22.73 10.29
CA SER D 87 23.34 22.17 11.41
C SER D 87 23.86 22.64 12.79
N GLU D 88 25.13 22.31 13.05
CA GLU D 88 25.79 22.79 14.31
C GLU D 88 25.55 24.23 14.62
N GLN D 89 25.58 25.01 13.58
CA GLN D 89 25.37 26.42 13.75
C GLN D 89 23.97 26.70 14.33
N VAL D 90 22.98 26.04 13.79
CA VAL D 90 21.64 26.14 14.17
C VAL D 90 21.43 25.64 15.57
N MET D 91 21.97 24.53 15.88
CA MET D 91 21.83 23.98 17.11
C MET D 91 22.45 24.76 18.20
N GLY D 92 23.69 25.16 18.05
CA GLY D 92 24.31 26.06 19.10
C GLY D 92 23.40 27.26 19.38
N LEU D 93 22.73 27.81 18.36
CA LEU D 93 21.83 28.93 18.58
C LEU D 93 20.59 28.55 19.40
N LEU D 94 20.02 27.37 19.05
CA LEU D 94 18.93 26.93 19.84
C LEU D 94 19.40 26.63 21.28
N ARG D 95 20.55 25.99 21.51
CA ARG D 95 21.02 25.76 22.90
C ARG D 95 21.08 27.03 23.74
N ASP D 96 21.53 28.15 23.13
CA ASP D 96 21.77 29.40 23.82
C ASP D 96 20.52 30.11 24.23
N LEU D 97 19.32 29.63 23.95
CA LEU D 97 18.16 30.21 24.58
C LEU D 97 17.94 29.75 26.04
N GLY D 98 18.68 28.74 26.53
CA GLY D 98 18.59 28.35 27.94
C GLY D 98 17.62 27.22 28.27
N HIS D 99 17.01 26.59 27.25
CA HIS D 99 16.04 25.53 27.49
C HIS D 99 16.61 24.18 27.25
N PRO D 100 16.07 23.08 27.86
CA PRO D 100 16.45 21.71 27.43
C PRO D 100 16.27 21.51 25.91
N LEU D 101 17.31 21.06 25.18
CA LEU D 101 17.15 20.98 23.71
C LEU D 101 17.60 19.58 23.37
N GLU D 102 16.79 18.83 22.66
CA GLU D 102 17.17 17.48 22.35
C GLU D 102 17.30 17.43 20.81
N VAL D 103 18.48 17.22 20.28
CA VAL D 103 18.68 17.26 18.85
C VAL D 103 18.43 15.95 18.24
N TRP D 104 17.66 15.86 17.15
CA TRP D 104 17.49 14.59 16.43
C TRP D 104 18.08 14.69 14.98
N GLY D 105 19.30 14.21 14.76
CA GLY D 105 19.95 14.31 13.45
C GLY D 105 20.21 15.76 13.15
N TRP D 106 20.36 16.06 11.89
CA TRP D 106 20.80 17.36 11.53
C TRP D 106 19.72 18.43 11.46
N ASP D 107 18.51 18.06 11.12
CA ASP D 107 17.55 18.97 10.63
C ASP D 107 16.61 19.51 11.70
N GLU D 108 16.58 18.89 12.87
CA GLU D 108 15.53 19.18 13.83
C GLU D 108 15.91 18.91 15.29
N ALA D 109 15.11 19.45 16.19
CA ALA D 109 15.28 19.32 17.59
C ALA D 109 14.03 19.63 18.31
N TYR D 110 13.96 19.18 19.55
CA TYR D 110 12.87 19.54 20.46
C TYR D 110 13.45 20.46 21.47
N LEU D 111 12.67 21.46 21.84
CA LEU D 111 13.01 22.36 22.93
C LEU D 111 11.90 22.36 24.00
N GLY D 112 12.30 22.21 25.29
CA GLY D 112 11.36 22.26 26.41
C GLY D 112 11.32 23.58 27.11
N ALA D 113 10.14 24.10 27.30
CA ALA D 113 10.04 25.44 27.88
C ALA D 113 8.88 25.47 28.80
N ASP D 114 9.17 25.66 30.07
CA ASP D 114 8.16 25.73 31.11
C ASP D 114 7.78 27.18 31.29
N LEU D 115 6.55 27.55 30.96
CA LEU D 115 6.13 28.97 30.93
C LEU D 115 4.91 29.16 31.86
N PRO D 116 4.85 30.30 32.53
CA PRO D 116 3.59 30.57 33.25
C PRO D 116 2.44 30.61 32.27
N ASP D 117 1.24 30.33 32.77
CA ASP D 117 0.05 30.09 31.93
C ASP D 117 -0.49 31.26 31.12
N GLU D 118 -0.07 32.46 31.52
CA GLU D 118 -0.39 33.69 30.83
C GLU D 118 0.67 34.05 29.78
N SER D 119 1.63 33.16 29.53
CA SER D 119 2.85 33.48 28.80
C SER D 119 2.79 32.60 27.52
N ASP D 120 2.84 33.25 26.34
CA ASP D 120 2.50 32.56 25.06
C ASP D 120 3.73 31.91 24.51
N PRO D 121 3.68 30.56 24.28
CA PRO D 121 4.79 29.84 23.73
C PRO D 121 5.04 30.18 22.30
N VAL D 122 4.02 30.71 21.57
CA VAL D 122 4.23 31.28 20.19
C VAL D 122 5.35 32.36 20.25
N GLU D 123 5.55 33.02 21.40
CA GLU D 123 6.73 33.99 21.50
C GLU D 123 8.05 33.32 21.46
N VAL D 124 8.14 32.11 22.01
CA VAL D 124 9.43 31.47 22.03
C VAL D 124 9.69 30.98 20.61
N ALA D 125 8.65 30.47 19.95
CA ALA D 125 8.87 30.03 18.55
C ALA D 125 9.24 31.23 17.62
N GLU D 126 8.54 32.37 17.80
CA GLU D 126 8.87 33.58 17.02
C GLU D 126 10.32 34.04 17.36
N ARG D 127 10.76 33.86 18.59
CA ARG D 127 12.15 34.16 18.95
C ARG D 127 13.11 33.23 18.16
N ILE D 128 12.87 31.91 18.18
CA ILE D 128 13.66 30.92 17.50
C ILE D 128 13.66 31.23 15.95
N ARG D 129 12.49 31.46 15.31
CA ARG D 129 12.44 31.69 13.88
C ARG D 129 13.20 32.99 13.57
N THR D 130 13.17 33.99 14.45
CA THR D 130 13.91 35.24 14.24
C THR D 130 15.43 35.08 14.31
N VAL D 131 15.90 34.41 15.35
CA VAL D 131 17.31 34.18 15.59
C VAL D 131 17.91 33.32 14.56
N VAL D 132 17.33 32.19 14.26
CA VAL D 132 17.90 31.33 13.22
C VAL D 132 18.02 32.03 11.82
N ALA D 133 16.96 32.73 11.43
CA ALA D 133 16.95 33.40 10.16
C ALA D 133 17.95 34.52 10.14
N ALA D 134 18.03 35.33 11.19
CA ALA D 134 19.01 36.45 11.25
C ALA D 134 20.52 35.97 11.21
N GLU D 135 20.83 34.94 11.96
CA GLU D 135 22.22 34.48 12.10
C GLU D 135 22.65 33.46 11.13
N THR D 136 21.71 32.74 10.46
CA THR D 136 22.11 31.67 9.54
C THR D 136 21.56 31.84 8.13
N GLY D 137 20.59 32.73 8.00
CA GLY D 137 19.90 32.94 6.73
C GLY D 137 19.01 31.78 6.37
N LEU D 138 18.81 30.80 7.27
CA LEU D 138 17.91 29.64 7.01
C LEU D 138 16.53 29.86 7.63
N SER D 139 15.50 29.29 7.02
CA SER D 139 14.17 29.36 7.56
C SER D 139 13.90 28.02 8.22
N CYS D 140 13.22 28.08 9.35
CA CYS D 140 12.79 26.92 10.14
C CYS D 140 11.31 27.09 10.46
N SER D 141 10.64 25.97 10.73
CA SER D 141 9.28 26.02 11.16
C SER D 141 9.19 25.40 12.57
N VAL D 142 8.19 25.79 13.32
CA VAL D 142 8.11 25.41 14.72
C VAL D 142 6.69 24.90 15.06
N GLY D 143 6.60 23.65 15.45
CA GLY D 143 5.44 23.06 15.99
C GLY D 143 5.41 23.12 17.52
N ILE D 144 4.26 23.43 18.10
CA ILE D 144 4.14 23.70 19.56
C ILE D 144 3.03 22.87 20.15
N SER D 145 3.38 22.06 21.11
CA SER D 145 2.44 21.29 21.85
C SER D 145 3.00 21.00 23.25
N ASP D 146 2.49 19.96 23.89
CA ASP D 146 2.95 19.53 25.23
C ASP D 146 3.50 18.04 25.22
N ASN D 147 3.76 17.51 24.02
CA ASN D 147 4.49 16.30 23.87
C ASN D 147 5.13 16.33 22.48
N LYS D 148 6.02 15.42 22.30
CA LYS D 148 6.90 15.38 21.09
C LYS D 148 6.15 15.06 19.83
N GLN D 149 5.37 13.99 19.88
CA GLN D 149 4.68 13.54 18.69
C GLN D 149 3.70 14.52 18.24
N ARG D 150 3.02 15.12 19.19
CA ARG D 150 2.03 16.14 18.76
C ARG D 150 2.68 17.43 18.32
N ALA D 151 3.80 17.78 18.92
CA ALA D 151 4.50 18.93 18.44
C ALA D 151 5.02 18.76 16.94
N LYS D 152 5.46 17.52 16.66
CA LYS D 152 5.88 17.03 15.39
C LYS D 152 4.86 17.17 14.36
N VAL D 153 3.65 16.75 14.70
CA VAL D 153 2.49 16.96 13.86
C VAL D 153 2.19 18.44 13.66
N ALA D 154 2.19 19.22 14.72
CA ALA D 154 2.06 20.61 14.55
C ALA D 154 3.03 21.23 13.53
N THR D 155 4.25 20.78 13.52
CA THR D 155 5.24 21.33 12.62
C THR D 155 4.86 21.13 11.18
N GLY D 156 4.25 20.01 10.90
CA GLY D 156 3.75 19.69 9.54
C GLY D 156 2.78 20.75 9.09
N PHE D 157 1.96 21.27 10.00
CA PHE D 157 1.04 22.34 9.72
C PHE D 157 1.68 23.70 9.65
N ALA D 158 2.78 23.91 10.38
CA ALA D 158 3.50 25.17 10.41
C ALA D 158 4.23 25.44 9.10
N LYS D 159 4.62 24.39 8.38
CA LYS D 159 5.34 24.52 7.10
C LYS D 159 4.50 25.26 6.01
N PRO D 160 5.13 26.20 5.31
CA PRO D 160 6.50 26.52 5.43
C PRO D 160 6.68 27.82 6.16
N ALA D 161 7.86 27.99 6.70
CA ALA D 161 8.23 29.23 7.39
C ALA D 161 7.24 29.68 8.42
N GLY D 162 6.76 28.76 9.25
CA GLY D 162 5.67 29.11 10.16
C GLY D 162 5.68 28.46 11.54
N ILE D 163 4.62 28.73 12.29
CA ILE D 163 4.44 28.28 13.68
C ILE D 163 3.02 27.85 13.75
N TYR D 164 2.80 26.78 14.49
CA TYR D 164 1.45 26.18 14.63
C TYR D 164 1.34 25.52 15.96
N VAL D 165 0.22 25.70 16.64
CA VAL D 165 0.09 25.30 18.04
C VAL D 165 -0.98 24.25 17.99
N LEU D 166 -0.66 23.08 18.53
CA LEU D 166 -1.58 21.96 18.60
C LEU D 166 -1.64 21.44 20.10
N THR D 167 -2.81 21.53 20.76
CA THR D 167 -3.01 21.16 22.17
C THR D 167 -4.25 20.29 22.20
N GLU D 168 -4.69 20.01 23.42
CA GLU D 168 -5.93 19.29 23.71
C GLU D 168 -7.17 20.01 23.19
N ALA D 169 -7.14 21.35 23.08
CA ALA D 169 -8.30 22.12 22.66
C ALA D 169 -8.64 21.90 21.19
N ASN D 170 -7.66 21.80 20.31
CA ASN D 170 -7.90 21.67 18.90
C ASN D 170 -7.42 20.33 18.24
N TRP D 171 -6.90 19.42 18.98
CA TRP D 171 -6.39 18.17 18.39
C TRP D 171 -7.32 17.44 17.57
N MET D 172 -8.46 17.18 18.08
CA MET D 172 -9.44 16.46 17.39
C MET D 172 -10.12 17.18 16.38
N THR D 173 -10.32 18.42 16.59
CA THR D 173 -10.85 19.27 15.63
C THR D 173 -9.98 19.28 14.45
N VAL D 174 -8.71 19.62 14.63
CA VAL D 174 -7.75 19.68 13.52
C VAL D 174 -7.33 18.39 12.81
N MET D 175 -7.04 17.34 13.58
CA MET D 175 -6.57 16.07 12.99
C MET D 175 -7.50 14.86 13.09
N GLY D 176 -8.73 15.07 13.55
CA GLY D 176 -9.67 13.99 13.71
C GLY D 176 -10.12 13.24 12.45
N ASP D 177 -10.31 13.98 11.36
CA ASP D 177 -10.82 13.43 10.12
C ASP D 177 -9.68 13.11 9.15
N ARG D 178 -8.51 12.77 9.70
CA ARG D 178 -7.32 12.43 8.87
C ARG D 178 -7.10 11.02 9.01
N PRO D 179 -6.36 10.44 8.06
CA PRO D 179 -6.08 9.02 8.16
C PRO D 179 -5.01 8.75 9.21
N PRO D 180 -5.00 7.55 9.75
CA PRO D 180 -4.13 7.28 10.89
C PRO D 180 -2.61 7.57 10.73
N ASP D 181 -2.12 7.47 9.53
CA ASP D 181 -0.70 7.79 9.29
C ASP D 181 -0.42 9.29 9.38
N ALA D 182 -1.41 10.10 9.58
CA ALA D 182 -1.08 11.44 9.95
C ALA D 182 -0.42 11.52 11.34
N LEU D 183 -0.46 10.42 12.14
CA LEU D 183 0.08 10.42 13.49
C LEU D 183 1.53 10.07 13.36
N TRP D 184 2.36 10.64 14.20
CA TRP D 184 3.84 10.33 14.07
C TRP D 184 4.12 9.00 14.68
N GLY D 185 4.63 8.02 13.92
CA GLY D 185 4.84 6.71 14.43
C GLY D 185 3.93 5.71 13.71
N VAL D 186 2.97 6.21 12.92
CA VAL D 186 2.05 5.39 12.14
C VAL D 186 2.37 5.66 10.69
N GLY D 187 2.66 4.59 9.96
CA GLY D 187 2.84 4.71 8.53
C GLY D 187 1.83 3.92 7.66
N PRO D 188 2.12 3.81 6.33
CA PRO D 188 1.23 3.14 5.38
C PRO D 188 0.78 1.73 5.81
N LYS D 189 1.64 0.95 6.48
CA LYS D 189 1.30 -0.44 6.74
C LYS D 189 0.33 -0.58 7.88
N THR D 190 0.56 0.16 8.98
CA THR D 190 -0.40 0.08 10.07
C THR D 190 -1.67 0.74 9.52
N THR D 191 -1.58 1.80 8.69
CA THR D 191 -2.78 2.47 8.16
C THR D 191 -3.65 1.62 7.28
N LYS D 192 -2.94 0.82 6.48
CA LYS D 192 -3.53 -0.19 5.60
C LYS D 192 -4.21 -1.21 6.41
N LYS D 193 -3.52 -1.72 7.44
CA LYS D 193 -4.16 -2.73 8.29
C LYS D 193 -5.46 -2.11 8.99
N LEU D 194 -5.31 -0.99 9.64
CA LEU D 194 -6.49 -0.35 10.31
C LEU D 194 -7.74 -0.15 9.37
N ALA D 195 -7.49 0.21 8.15
CA ALA D 195 -8.47 0.39 7.20
C ALA D 195 -9.18 -0.89 6.93
N ALA D 196 -8.44 -2.00 6.86
CA ALA D 196 -9.04 -3.30 6.60
C ALA D 196 -9.92 -3.75 7.76
N MET D 197 -9.67 -3.22 8.94
CA MET D 197 -10.44 -3.57 10.14
C MET D 197 -11.50 -2.52 10.44
N GLY D 198 -11.69 -1.59 9.50
CA GLY D 198 -12.63 -0.57 9.66
C GLY D 198 -12.36 0.70 10.44
N ILE D 199 -11.11 1.04 10.61
CA ILE D 199 -10.62 2.20 11.33
C ILE D 199 -9.93 2.99 10.28
N THR D 200 -10.43 4.09 9.99
CA THR D 200 -10.01 4.83 8.94
C THR D 200 -9.57 6.23 9.19
N THR D 201 -9.75 6.68 10.36
CA THR D 201 -9.40 7.98 10.74
C THR D 201 -8.83 7.95 12.17
N VAL D 202 -8.25 9.08 12.54
CA VAL D 202 -7.64 9.33 13.84
C VAL D 202 -8.77 9.24 14.92
N ALA D 203 -9.91 9.85 14.60
CA ALA D 203 -11.02 9.76 15.51
C ALA D 203 -11.52 8.32 15.70
N ASP D 204 -11.50 7.54 14.64
CA ASP D 204 -11.88 6.15 14.78
C ASP D 204 -10.92 5.49 15.68
N LEU D 205 -9.62 5.75 15.49
CA LEU D 205 -8.66 5.00 16.25
C LEU D 205 -8.67 5.38 17.74
N ALA D 206 -8.91 6.61 18.02
CA ALA D 206 -8.91 7.13 19.33
C ALA D 206 -9.97 6.48 20.25
N VAL D 207 -11.02 5.86 19.68
CA VAL D 207 -12.07 5.21 20.51
C VAL D 207 -12.18 3.76 20.19
N THR D 208 -11.13 3.23 19.55
CA THR D 208 -11.08 1.82 19.23
C THR D 208 -10.84 1.14 20.54
N ASP D 209 -11.49 0.01 20.76
CA ASP D 209 -11.26 -0.78 21.94
C ASP D 209 -9.81 -1.29 22.06
N PRO D 210 -9.20 -1.15 23.27
CA PRO D 210 -7.80 -1.53 23.47
C PRO D 210 -7.51 -2.90 23.04
N SER D 211 -8.43 -3.84 23.27
CA SER D 211 -8.14 -5.22 22.89
C SER D 211 -8.03 -5.37 21.36
N VAL D 212 -8.87 -4.73 20.62
CA VAL D 212 -8.76 -4.79 19.17
C VAL D 212 -7.34 -4.43 18.72
N LEU D 213 -6.76 -3.37 19.29
CA LEU D 213 -5.44 -2.86 18.86
C LEU D 213 -4.28 -3.72 19.36
N THR D 214 -4.40 -4.20 20.58
CA THR D 214 -3.47 -5.05 21.25
C THR D 214 -3.37 -6.42 20.51
N THR D 215 -4.53 -7.08 20.33
CA THR D 215 -4.49 -8.36 19.68
C THR D 215 -3.91 -8.15 18.25
N ALA D 216 -4.20 -7.08 17.57
CA ALA D 216 -3.67 -6.97 16.15
C ALA D 216 -2.26 -6.40 16.03
N PHE D 217 -1.73 -5.68 17.00
CA PHE D 217 -0.43 -5.00 16.85
C PHE D 217 0.60 -5.30 17.97
N GLY D 218 0.18 -5.84 19.11
CA GLY D 218 1.01 -6.09 20.22
C GLY D 218 0.46 -5.41 21.45
N PRO D 219 0.83 -5.92 22.65
CA PRO D 219 0.45 -5.37 23.94
C PRO D 219 0.95 -3.95 24.19
N SER D 220 2.08 -3.54 23.63
CA SER D 220 2.54 -2.20 23.81
C SER D 220 2.14 -1.34 22.65
N THR D 221 2.47 -1.78 21.47
CA THR D 221 2.10 -1.02 20.27
C THR D 221 0.58 -0.66 20.17
N GLY D 222 -0.25 -1.63 20.56
CA GLY D 222 -1.67 -1.52 20.50
C GLY D 222 -2.04 -0.33 21.40
N LEU D 223 -1.56 -0.31 22.64
CA LEU D 223 -1.91 0.81 23.50
C LEU D 223 -1.33 2.17 23.03
N TRP D 224 -0.12 2.08 22.43
CA TRP D 224 0.57 3.21 21.92
C TRP D 224 -0.20 3.81 20.77
N LEU D 225 -0.74 2.96 19.89
CA LEU D 225 -1.56 3.55 18.83
C LEU D 225 -2.68 4.34 19.38
N LEU D 226 -3.32 3.83 20.42
CA LEU D 226 -4.46 4.56 21.08
C LEU D 226 -3.98 5.88 21.62
N LEU D 227 -2.90 5.84 22.39
CA LEU D 227 -2.24 7.03 22.86
C LEU D 227 -1.91 8.02 21.81
N LEU D 228 -1.33 7.59 20.69
CA LEU D 228 -1.06 8.54 19.63
C LEU D 228 -2.30 9.22 19.07
N ALA D 229 -3.32 8.40 18.82
CA ALA D 229 -4.61 8.92 18.32
C ALA D 229 -5.25 9.93 19.25
N LYS D 230 -5.01 9.75 20.54
CA LYS D 230 -5.54 10.69 21.47
C LYS D 230 -4.71 11.97 21.56
N GLY D 231 -3.60 12.09 20.82
CA GLY D 231 -2.81 13.29 20.92
C GLY D 231 -1.64 13.30 21.89
N GLY D 232 -1.37 12.13 22.48
CA GLY D 232 -0.34 11.94 23.50
C GLY D 232 0.94 11.60 22.84
N GLY D 233 1.97 11.60 23.66
CA GLY D 233 3.29 11.24 23.24
C GLY D 233 4.30 11.28 24.35
N ASP D 234 5.56 11.22 23.95
CA ASP D 234 6.72 11.43 24.89
C ASP D 234 6.82 12.93 25.31
N THR D 235 7.05 13.22 26.58
CA THR D 235 7.02 14.53 27.07
C THR D 235 8.32 15.02 27.65
N GLU D 236 9.28 14.15 27.85
CA GLU D 236 10.55 14.52 28.49
C GLU D 236 11.57 14.98 27.41
N VAL D 237 11.98 16.22 27.47
CA VAL D 237 12.99 16.69 26.59
C VAL D 237 14.32 16.54 27.28
N SER D 238 15.15 15.65 26.78
CA SER D 238 16.48 15.47 27.33
C SER D 238 17.61 16.19 26.55
N SER D 239 18.51 16.77 27.28
CA SER D 239 19.76 17.39 26.80
C SER D 239 20.93 16.42 26.71
N GLU D 240 20.85 15.26 27.38
CA GLU D 240 21.81 14.15 27.22
C GLU D 240 22.25 13.93 25.76
N PRO D 241 23.56 13.85 25.46
CA PRO D 241 23.98 13.40 24.07
C PRO D 241 23.57 11.99 23.77
N TRP D 242 23.16 11.75 22.56
CA TRP D 242 22.73 10.43 22.11
C TRP D 242 24.01 9.59 21.97
N VAL D 243 24.07 8.41 22.56
CA VAL D 243 25.15 7.44 22.34
C VAL D 243 24.63 6.46 21.25
N PRO D 244 25.11 6.53 20.00
CA PRO D 244 24.76 5.54 19.04
C PRO D 244 24.87 4.00 19.56
N ARG D 245 23.86 3.22 19.24
CA ARG D 245 23.83 1.82 19.46
C ARG D 245 24.54 1.01 18.36
N SER D 246 24.65 1.56 17.17
CA SER D 246 25.24 0.82 16.05
C SER D 246 25.81 1.82 15.11
N ARG D 247 26.67 1.37 14.20
CA ARG D 247 27.05 2.20 13.04
C ARG D 247 27.00 1.28 11.88
N SER D 248 26.55 1.82 10.73
CA SER D 248 26.28 0.98 9.56
C SER D 248 26.70 1.60 8.27
N HIS D 249 27.04 0.76 7.30
CA HIS D 249 27.25 1.24 5.92
C HIS D 249 26.72 0.15 4.99
N VAL D 250 26.08 0.59 3.90
CA VAL D 250 25.57 -0.27 2.87
C VAL D 250 25.94 0.34 1.56
N VAL D 251 25.93 -0.45 0.51
CA VAL D 251 26.24 -0.02 -0.83
C VAL D 251 25.25 -0.75 -1.75
N THR D 252 24.49 0.03 -2.49
CA THR D 252 23.89 -0.48 -3.73
C THR D 252 24.83 -0.41 -4.97
N PHE D 253 25.23 -1.55 -5.54
CA PHE D 253 26.19 -1.52 -6.66
C PHE D 253 25.59 -1.08 -7.97
N PRO D 254 26.37 -0.39 -8.82
CA PRO D 254 25.76 0.10 -10.09
C PRO D 254 25.14 -1.13 -10.92
N GLN D 255 25.91 -2.23 -10.98
CA GLN D 255 25.50 -3.48 -11.61
C GLN D 255 25.47 -4.58 -10.59
N ASP D 256 24.40 -5.36 -10.55
CA ASP D 256 24.34 -6.45 -9.60
C ASP D 256 25.61 -7.34 -9.64
N LEU D 257 26.01 -7.86 -8.47
CA LEU D 257 27.18 -8.70 -8.37
C LEU D 257 26.75 -10.14 -8.55
N THR D 258 27.54 -10.88 -9.35
CA THR D 258 27.45 -12.34 -9.49
C THR D 258 28.72 -13.10 -9.00
N GLU D 259 29.83 -12.39 -8.78
CA GLU D 259 31.11 -13.03 -8.40
C GLU D 259 31.25 -12.99 -6.90
N ARG D 260 31.55 -14.13 -6.30
CA ARG D 260 31.67 -14.25 -4.86
C ARG D 260 32.78 -13.40 -4.31
N ARG D 261 33.93 -13.31 -5.01
CA ARG D 261 35.09 -12.56 -4.54
C ARG D 261 34.72 -11.09 -4.31
N GLU D 262 33.96 -10.55 -5.26
CA GLU D 262 33.43 -9.20 -5.18
C GLU D 262 32.55 -8.99 -3.98
N MET D 263 31.69 -9.97 -3.67
CA MET D 263 30.83 -9.91 -2.48
C MET D 263 31.66 -9.92 -1.18
N ASP D 264 32.65 -10.81 -1.12
CA ASP D 264 33.61 -10.87 -0.01
C ASP D 264 34.39 -9.56 0.21
N SER D 265 34.90 -9.04 -0.88
CA SER D 265 35.67 -7.81 -0.92
C SER D 265 34.84 -6.60 -0.43
N ALA D 266 33.63 -6.44 -0.95
CA ALA D 266 32.76 -5.36 -0.56
C ALA D 266 32.36 -5.47 0.92
N VAL D 267 32.03 -6.68 1.38
CA VAL D 267 31.84 -6.85 2.85
C VAL D 267 33.13 -6.48 3.73
N ARG D 268 34.27 -7.00 3.32
CA ARG D 268 35.60 -6.70 3.90
C ARG D 268 35.84 -5.20 4.06
N ASP D 269 35.73 -4.48 2.96
CA ASP D 269 35.77 -3.00 2.94
C ASP D 269 34.81 -2.26 3.82
N LEU D 270 33.51 -2.63 3.80
CA LEU D 270 32.56 -1.90 4.59
C LEU D 270 32.78 -2.26 6.03
N ALA D 271 33.21 -3.49 6.35
CA ALA D 271 33.47 -3.83 7.73
C ALA D 271 34.68 -3.02 8.22
N LEU D 272 35.66 -2.78 7.37
CA LEU D 272 36.83 -2.11 7.83
C LEU D 272 36.54 -0.61 7.94
N GLN D 273 35.74 -0.07 7.02
CA GLN D 273 35.44 1.33 7.08
C GLN D 273 34.68 1.71 8.39
N THR D 274 33.64 0.90 8.66
CA THR D 274 32.81 1.11 9.78
C THR D 274 33.59 0.95 11.02
N LEU D 275 34.39 -0.12 11.10
CA LEU D 275 35.27 -0.30 12.22
C LEU D 275 36.18 0.95 12.46
N ALA D 276 36.79 1.44 11.43
CA ALA D 276 37.64 2.59 11.58
C ALA D 276 36.93 3.84 12.21
N GLU D 277 35.69 4.06 11.81
CA GLU D 277 34.96 5.15 12.27
C GLU D 277 34.54 4.99 13.69
N ILE D 278 34.10 3.78 14.08
CA ILE D 278 33.72 3.55 15.49
C ILE D 278 34.91 3.58 16.49
N VAL D 279 36.08 3.15 16.02
CA VAL D 279 37.33 3.30 16.79
C VAL D 279 37.64 4.77 17.05
N GLU D 280 37.64 5.58 15.99
CA GLU D 280 37.77 7.03 16.08
C GLU D 280 36.83 7.62 17.10
N GLN D 281 35.61 7.09 17.20
CA GLN D 281 34.57 7.53 18.16
C GLN D 281 34.71 6.90 19.52
N GLY D 282 35.85 6.25 19.80
CA GLY D 282 36.12 5.57 21.10
C GLY D 282 35.20 4.40 21.44
N ARG D 283 34.60 3.76 20.44
CA ARG D 283 33.63 2.67 20.71
C ARG D 283 34.28 1.26 20.59
N ILE D 284 33.56 0.24 21.05
CA ILE D 284 33.94 -1.14 20.91
C ILE D 284 32.79 -1.95 20.33
N VAL D 285 33.10 -2.89 19.46
CA VAL D 285 32.10 -3.64 18.76
C VAL D 285 31.74 -4.84 19.62
N THR D 286 30.47 -5.16 19.67
CA THR D 286 29.92 -6.35 20.37
C THR D 286 29.41 -7.44 19.39
N ARG D 287 28.78 -7.01 18.28
CA ARG D 287 28.15 -7.87 17.29
C ARG D 287 28.40 -7.32 15.90
N VAL D 288 28.50 -8.25 14.96
CA VAL D 288 28.69 -7.91 13.56
C VAL D 288 27.50 -8.45 12.78
N ALA D 289 26.85 -7.57 12.01
CA ALA D 289 25.69 -7.91 11.16
C ALA D 289 25.94 -7.60 9.71
N VAL D 290 25.53 -8.55 8.88
CA VAL D 290 25.69 -8.44 7.45
C VAL D 290 24.29 -8.53 6.83
N THR D 291 24.05 -7.68 5.86
CA THR D 291 22.81 -7.60 5.10
C THR D 291 23.07 -7.86 3.68
N VAL D 292 22.14 -8.62 3.07
CA VAL D 292 22.23 -9.01 1.68
C VAL D 292 20.87 -8.76 1.09
N ARG D 293 20.88 -8.04 -0.02
CA ARG D 293 19.74 -7.86 -0.86
C ARG D 293 20.00 -8.32 -2.26
N THR D 294 19.12 -9.23 -2.72
CA THR D 294 19.07 -9.70 -4.13
C THR D 294 18.47 -8.75 -5.15
N SER D 295 18.61 -9.07 -6.44
CA SER D 295 18.09 -8.25 -7.55
C SER D 295 16.55 -8.15 -7.59
N THR D 296 15.86 -9.06 -6.90
CA THR D 296 14.45 -8.88 -6.64
C THR D 296 14.15 -8.18 -5.32
N PHE D 297 15.18 -7.61 -4.67
CA PHE D 297 14.94 -6.78 -3.51
C PHE D 297 14.62 -7.55 -2.23
N TYR D 298 14.83 -8.86 -2.24
CA TYR D 298 14.63 -9.69 -1.07
C TYR D 298 15.89 -9.41 -0.21
N THR D 299 15.68 -9.07 1.05
CA THR D 299 16.63 -8.56 1.91
C THR D 299 16.54 -9.28 3.22
N ARG D 300 17.68 -9.84 3.63
CA ARG D 300 17.83 -10.44 4.93
C ARG D 300 19.15 -10.00 5.53
N THR D 301 19.13 -10.08 6.88
CA THR D 301 20.23 -9.73 7.71
C THR D 301 20.49 -10.82 8.69
N LYS D 302 21.77 -11.21 8.76
CA LYS D 302 22.34 -12.08 9.78
C LYS D 302 23.32 -11.36 10.71
N ILE D 303 23.42 -11.85 11.93
CA ILE D 303 24.11 -11.19 13.00
C ILE D 303 24.86 -12.18 13.89
N ARG D 304 26.14 -11.97 14.10
CA ARG D 304 26.89 -12.83 14.94
C ARG D 304 27.50 -12.07 16.03
N LYS D 305 27.51 -12.64 17.21
CA LYS D 305 27.99 -11.93 18.36
C LYS D 305 29.43 -12.32 18.60
N LEU D 306 30.33 -11.33 18.77
CA LEU D 306 31.69 -11.64 19.08
C LEU D 306 31.81 -12.28 20.47
N PRO D 307 32.87 -13.06 20.70
CA PRO D 307 32.97 -13.73 21.99
C PRO D 307 33.19 -12.81 23.13
N ALA D 308 33.95 -11.76 22.84
CA ALA D 308 34.14 -10.65 23.72
C ALA D 308 34.18 -9.33 22.91
N PRO D 309 33.76 -8.24 23.53
CA PRO D 309 33.71 -6.99 22.76
C PRO D 309 35.14 -6.66 22.21
N SER D 310 35.24 -6.31 20.94
CA SER D 310 36.53 -6.11 20.33
C SER D 310 36.53 -4.97 19.35
N THR D 311 37.71 -4.50 19.12
CA THR D 311 38.01 -3.69 18.02
C THR D 311 38.99 -4.23 16.96
N ASP D 312 39.28 -5.50 17.02
CA ASP D 312 40.36 -6.06 16.19
C ASP D 312 39.94 -6.23 14.71
N ALA D 313 40.64 -5.57 13.80
CA ALA D 313 40.26 -5.62 12.37
C ALA D 313 40.13 -7.00 11.79
N GLY D 314 41.11 -7.78 12.09
CA GLY D 314 41.14 -9.20 11.59
C GLY D 314 39.99 -10.05 12.02
N GLN D 315 39.64 -9.91 13.28
CA GLN D 315 38.53 -10.57 13.81
C GLN D 315 37.19 -10.16 13.23
N ILE D 316 37.02 -8.84 13.12
CA ILE D 316 35.77 -8.26 12.66
C ILE D 316 35.54 -8.57 11.18
N VAL D 317 36.57 -8.52 10.37
CA VAL D 317 36.51 -8.90 9.00
C VAL D 317 36.21 -10.38 8.86
N ASP D 318 36.90 -11.18 9.60
CA ASP D 318 36.66 -12.58 9.58
C ASP D 318 35.22 -12.89 9.98
N THR D 319 34.74 -12.30 11.07
CA THR D 319 33.33 -12.50 11.43
C THR D 319 32.37 -12.07 10.38
N ALA D 320 32.60 -10.91 9.77
CA ALA D 320 31.70 -10.43 8.71
C ALA D 320 31.75 -11.36 7.54
N LEU D 321 32.93 -11.90 7.19
CA LEU D 321 32.94 -12.80 5.98
C LEU D 321 32.31 -14.24 6.27
N ALA D 322 32.36 -14.71 7.50
CA ALA D 322 31.68 -15.99 7.89
C ALA D 322 30.17 -15.71 8.01
N VAL D 323 29.71 -14.53 8.48
CA VAL D 323 28.27 -14.25 8.46
C VAL D 323 27.77 -14.20 7.02
N LEU D 324 28.53 -13.59 6.13
CA LEU D 324 28.16 -13.54 4.73
C LEU D 324 28.11 -14.91 4.08
N ASP D 325 29.10 -15.73 4.43
CA ASP D 325 29.14 -17.13 3.98
C ASP D 325 27.95 -17.94 4.44
N GLN D 326 27.17 -17.48 5.41
CA GLN D 326 26.00 -18.18 5.90
C GLN D 326 24.79 -17.94 5.00
N PHE D 327 24.88 -16.94 4.14
CA PHE D 327 23.87 -16.71 3.16
C PHE D 327 24.08 -17.69 1.99
N GLU D 328 22.99 -17.78 1.25
CA GLU D 328 22.86 -18.72 0.20
C GLU D 328 23.72 -18.16 -0.95
N LEU D 329 23.47 -16.93 -1.38
CA LEU D 329 24.31 -16.25 -2.38
C LEU D 329 24.27 -16.85 -3.81
N ASP D 330 23.12 -17.38 -4.20
CA ASP D 330 22.92 -18.03 -5.55
C ASP D 330 22.20 -17.13 -6.58
N ARG D 331 22.20 -15.83 -6.35
CA ARG D 331 21.25 -14.94 -6.96
C ARG D 331 21.89 -13.54 -7.07
N PRO D 332 21.65 -12.78 -8.16
CA PRO D 332 22.46 -11.58 -8.27
C PRO D 332 22.21 -10.68 -7.05
N VAL D 333 23.32 -10.08 -6.56
CA VAL D 333 23.32 -9.21 -5.34
C VAL D 333 23.35 -7.72 -5.65
N ARG D 334 22.27 -7.04 -5.25
CA ARG D 334 22.07 -5.58 -5.49
C ARG D 334 22.80 -4.73 -4.42
N LEU D 335 22.80 -5.23 -3.17
CA LEU D 335 23.28 -4.47 -2.03
C LEU D 335 23.85 -5.39 -0.98
N LEU D 336 24.95 -4.91 -0.40
CA LEU D 336 25.63 -5.49 0.75
C LEU D 336 25.85 -4.47 1.81
N GLY D 337 25.74 -4.90 3.04
CA GLY D 337 25.83 -3.92 4.13
C GLY D 337 26.49 -4.52 5.35
N VAL D 338 27.16 -3.70 6.15
CA VAL D 338 27.63 -4.22 7.42
C VAL D 338 27.22 -3.28 8.43
N ARG D 339 26.80 -3.81 9.55
CA ARG D 339 26.42 -3.05 10.67
C ARG D 339 27.20 -3.60 11.87
N LEU D 340 27.82 -2.72 12.64
CA LEU D 340 28.49 -3.08 13.89
C LEU D 340 27.68 -2.54 15.07
N GLU D 341 27.20 -3.43 15.93
CA GLU D 341 26.56 -2.95 17.16
C GLU D 341 27.64 -2.73 18.14
N LEU D 342 27.43 -1.73 19.00
CA LEU D 342 28.44 -1.18 19.90
C LEU D 342 28.17 -1.34 21.41
N ALA D 343 29.31 -1.46 22.08
CA ALA D 343 29.39 -1.54 23.49
C ALA D 343 28.75 -0.23 23.86
N MET D 344 27.78 -0.40 24.75
CA MET D 344 27.03 0.69 25.39
C MET D 344 27.75 0.96 26.71
N ASP D 345 28.07 -0.09 27.47
CA ASP D 345 28.86 0.12 28.68
C ASP D 345 30.16 0.91 28.53
N ASP D 346 30.39 1.72 29.55
CA ASP D 346 31.58 2.56 29.70
C ASP D 346 31.83 3.47 28.53
N VAL D 347 30.86 4.38 28.35
CA VAL D 347 30.95 5.51 27.42
C VAL D 347 31.00 5.06 25.93
PG 0KX G . -21.65 -1.29 -7.45
O1G 0KX G . -21.29 -2.23 -8.82
O2G 0KX G . -22.91 -0.54 -7.73
O3G 0KX G . -20.60 -0.53 -7.16
PB 0KX G . -21.82 -4.16 -6.38
O1B 0KX G . -22.33 -4.64 -4.88
O2B 0KX G . -22.53 -4.57 -7.41
O3B 0KX G . -21.88 -2.40 -6.23
PA 0KX G . -19.37 -5.20 -7.75
O1A 0KX G . -20.29 -4.96 -9.03
O2A 0KX G . -17.94 -4.88 -7.57
N3A 0KX G . -20.13 -4.35 -6.49
O5' 0KX G . -19.43 -6.72 -7.43
C5' 0KX G . -20.69 -7.34 -7.61
C4' 0KX G . -20.91 -8.42 -6.42
O4' 0KX G . -19.84 -9.22 -6.23
C3' 0KX G . -21.29 -7.74 -5.09
O3' 0KX G . -22.68 -7.37 -4.94
C2' 0KX G . -20.86 -8.73 -4.12
C1' 0KX G . -19.91 -9.54 -4.69
N1 0KX G . -18.59 -9.24 -4.13
C2 0KX G . -18.07 -10.09 -3.02
N3 0KX G . -16.76 -9.76 -2.50
C4 0KX G . -16.04 -8.60 -2.99
C5 0KX G . -16.50 -7.77 -4.09
C6 0KX G . -17.82 -8.09 -4.61
O2 0KX G . -18.62 -11.11 -2.59
N4 0KX G . -14.78 -8.40 -2.42
MG MG H . -19.27 -6.02 -11.04
MG MG I . -21.97 -4.17 -9.64
PG 0KX J . 10.79 20.25 4.95
O1G 0KX J . 11.15 19.92 6.32
O2G 0KX J . 10.56 21.79 4.91
O3G 0KX J . 9.64 19.58 4.26
PB 0KX J . 13.33 18.91 4.41
O1B 0KX J . 14.15 18.83 3.12
O2B 0KX J . 14.24 19.33 5.46
O3B 0KX J . 12.09 19.79 4.07
PA 0KX J . 12.97 16.60 6.19
O1A 0KX J . 12.99 17.61 7.30
O2A 0KX J . 11.82 15.62 6.14
N3A 0KX J . 12.69 17.42 4.74
O5' 0KX J . 14.32 15.74 6.18
C5' 0KX J . 15.45 16.53 6.47
C4' 0KX J . 16.67 16.09 5.64
O4' 0KX J . 16.63 14.82 5.86
C3' 0KX J . 16.44 16.45 4.10
O3' 0KX J . 16.72 17.81 3.63
C2' 0KX J . 17.20 15.35 3.52
C1' 0KX J . 17.21 14.34 4.49
N1 0KX J . 16.33 13.28 4.15
C2 0KX J . 16.89 12.13 3.42
N3 0KX J . 15.99 11.07 3.05
C4 0KX J . 14.56 11.11 3.34
C5 0KX J . 13.94 12.23 4.00
C6 0KX J . 14.86 13.31 4.38
O2 0KX J . 18.05 12.08 3.15
N4 0KX J . 13.77 10.04 2.90
MG MG K . 13.06 16.89 9.90
MG MG L . 13.24 19.73 7.59
#